data_2RET
#
_entry.id   2RET
#
_cell.length_a   63.288
_cell.length_b   79.145
_cell.length_c   82.079
_cell.angle_alpha   65.000
_cell.angle_beta   69.190
_cell.angle_gamma   69.490
#
_symmetry.space_group_name_H-M   'P 1'
#
loop_
_entity.id
_entity.type
_entity.pdbx_description
1 polymer 'Pseudopilin EpsI'
2 polymer EpsJ
3 non-polymer 'CHLORIDE ION'
4 non-polymer 'SODIUM ION'
5 water water
#
loop_
_entity_poly.entity_id
_entity_poly.type
_entity_poly.pdbx_seq_one_letter_code
_entity_poly.pdbx_strand_id
1 'polypeptide(L)'
;(MSE)SQHINTVGYLEQK(MSE)FAA(MSE)VADNQ(MSE)A(MSE)V(MSE)LNPKNLKASNGEEELAGQTWYWKVAPV
ATTQPLLKAFDVSVAATTQASPIITVRSYVASENLYFQGGGHHHHHH
;
A,C,E,G
2 'polypeptide(L)'
;(MSE)NQVQRSNELSQERTARLNELQRALV(MSE)(MSE)DSDFRQIALRQTRTNGEEPSKKLLHWADYLLDSDNKGI
(MSE)FARLGWHNPQQQFPRGEVTKVGYRIKDERLERVWWRYPDTPAGQEGVVTPLLSDVEELNVRFYDGKQWINEWSNE
LTLPAAISVELTLKDYGKIARTYLTPEGNLQKQ
;
B,D,F,H
#
loop_
_chem_comp.id
_chem_comp.type
_chem_comp.name
_chem_comp.formula
CL non-polymer 'CHLORIDE ION' 'Cl -1'
NA non-polymer 'SODIUM ION' 'Na 1'
#
# COMPACT_ATOMS: atom_id res chain seq x y z
N THR A 7 28.58 32.26 14.85
CA THR A 7 27.95 31.38 13.82
C THR A 7 27.50 30.06 14.46
N VAL A 8 28.39 29.44 15.24
CA VAL A 8 28.02 28.18 15.91
C VAL A 8 26.89 28.33 16.98
N GLY A 9 26.86 29.42 17.75
CA GLY A 9 25.78 29.68 18.71
C GLY A 9 24.39 29.69 18.10
N TYR A 10 24.28 30.33 16.93
CA TYR A 10 23.02 30.37 16.16
C TYR A 10 22.63 29.00 15.59
N LEU A 11 23.62 28.27 15.07
CA LEU A 11 23.43 26.91 14.56
C LEU A 11 22.99 25.95 15.65
N GLU A 12 23.57 26.08 16.85
CA GLU A 12 23.06 25.35 18.00
C GLU A 12 21.57 25.59 18.24
N GLN A 13 21.19 26.86 18.40
CA GLN A 13 19.79 27.25 18.63
C GLN A 13 18.84 26.64 17.59
N LYS A 14 19.22 26.70 16.33
CA LYS A 14 18.42 26.18 15.22
C LYS A 14 18.19 24.64 15.27
N MSE A 15 19.26 23.91 15.57
CA MSE A 15 19.23 22.48 15.63
C MSE A 15 18.45 21.99 16.84
O MSE A 15 17.64 21.07 16.74
CB MSE A 15 20.67 21.99 15.69
CG MSE A 15 20.81 20.49 15.77
SE MSE A 15 22.67 19.93 15.67
CE MSE A 15 23.53 21.51 14.83
N PHE A 16 18.70 22.59 17.99
CA PHE A 16 18.02 22.20 19.20
C PHE A 16 16.55 22.60 19.22
N ALA A 17 16.20 23.83 18.80
CA ALA A 17 14.79 24.18 18.63
C ALA A 17 14.05 23.27 17.61
N ALA A 18 14.69 22.88 16.51
CA ALA A 18 14.14 21.88 15.59
C ALA A 18 13.91 20.50 16.24
N MSE A 19 14.84 20.05 17.09
CA MSE A 19 14.65 18.85 17.86
C MSE A 19 13.37 18.89 18.70
O MSE A 19 12.62 17.94 18.67
CB MSE A 19 15.85 18.59 18.75
CG MSE A 19 17.07 18.07 18.00
SE MSE A 19 18.52 17.58 19.21
CE MSE A 19 17.89 15.82 19.86
N VAL A 20 13.15 19.96 19.45
CA VAL A 20 11.95 20.15 20.21
C VAL A 20 10.67 20.17 19.32
N ALA A 21 10.76 20.83 18.17
CA ALA A 21 9.64 20.89 17.23
C ALA A 21 9.23 19.47 16.79
N ASP A 22 10.21 18.65 16.44
CA ASP A 22 10.00 17.26 16.10
C ASP A 22 9.38 16.46 17.23
N ASN A 23 9.84 16.67 18.45
CA ASN A 23 9.31 15.97 19.62
C ASN A 23 7.87 16.32 19.87
N GLN A 24 7.53 17.59 19.69
CA GLN A 24 6.16 18.01 19.87
C GLN A 24 5.22 17.63 18.70
N MSE A 25 5.72 17.60 17.45
CA MSE A 25 4.94 17.08 16.32
CA MSE A 25 4.93 17.09 16.33
C MSE A 25 4.54 15.63 16.58
O MSE A 25 3.40 15.25 16.34
CB MSE A 25 5.71 17.13 14.97
CB MSE A 25 5.70 17.23 15.02
CG MSE A 25 5.11 16.17 13.90
CG MSE A 25 5.86 18.66 14.60
SE MSE A 25 5.97 16.20 12.13
SE MSE A 25 6.52 18.94 12.81
CE MSE A 25 7.86 15.99 12.68
CE MSE A 25 7.80 17.48 12.67
N ALA A 26 5.49 14.83 17.06
CA ALA A 26 5.27 13.43 17.39
C ALA A 26 4.15 13.27 18.44
N MSE A 27 4.18 14.09 19.48
CA MSE A 27 3.11 14.08 20.51
C MSE A 27 1.73 14.40 19.95
O MSE A 27 0.77 13.75 20.31
CB MSE A 27 3.45 14.98 21.68
CG MSE A 27 4.78 14.58 22.35
SE MSE A 27 4.81 12.74 23.05
CE MSE A 27 4.73 11.55 21.52
N VAL A 28 1.65 15.40 19.08
CA VAL A 28 0.39 15.73 18.41
C VAL A 28 -0.07 14.53 17.57
N MSE A 29 0.85 13.95 16.79
CA MSE A 29 0.55 12.78 15.94
C MSE A 29 0.03 11.51 16.67
O MSE A 29 -0.78 10.80 16.12
CB MSE A 29 1.77 12.41 15.10
CG MSE A 29 2.04 13.33 13.94
SE MSE A 29 0.49 13.61 12.80
CE MSE A 29 1.45 14.82 11.56
N LEU A 30 0.48 11.25 17.90
CA LEU A 30 -0.11 10.19 18.74
C LEU A 30 -1.64 10.28 18.88
N ASN A 31 -2.18 11.50 18.91
CA ASN A 31 -3.61 11.73 19.10
C ASN A 31 -4.06 12.98 18.34
N PRO A 32 -4.17 12.88 17.01
CA PRO A 32 -4.45 14.04 16.14
C PRO A 32 -5.95 14.31 15.89
N LYS A 33 -6.84 13.45 16.38
CA LYS A 33 -8.27 13.74 16.41
C LYS A 33 -8.51 14.83 17.45
N ASN A 34 -7.67 14.83 18.49
CA ASN A 34 -7.71 15.83 19.55
C ASN A 34 -6.75 17.00 19.29
N LEU A 35 -6.75 17.50 18.04
CA LEU A 35 -5.89 18.62 17.62
C LEU A 35 -6.47 19.94 18.15
N LYS A 36 -5.72 20.61 19.01
CA LYS A 36 -6.16 21.86 19.62
C LYS A 36 -4.96 22.74 19.88
N ALA A 37 -5.22 24.03 20.09
CA ALA A 37 -4.19 24.96 20.52
C ALA A 37 -3.67 24.50 21.87
N SER A 38 -2.35 24.34 21.95
CA SER A 38 -1.68 23.99 23.21
C SER A 38 -0.28 24.58 23.25
N ASN A 39 0.32 24.53 24.44
CA ASN A 39 1.65 25.06 24.66
C ASN A 39 2.34 24.48 25.89
N GLY A 40 3.66 24.54 25.87
CA GLY A 40 4.45 24.14 27.03
C GLY A 40 5.94 24.43 26.84
N GLU A 41 6.72 23.70 27.64
CA GLU A 41 8.14 23.84 27.79
C GLU A 41 8.83 22.51 27.66
N GLU A 42 10.00 22.50 27.07
CA GLU A 42 10.84 21.38 27.02
C GLU A 42 12.27 21.84 27.32
N GLU A 43 12.93 21.12 28.20
CA GLU A 43 14.33 21.28 28.45
C GLU A 43 15.12 20.40 27.47
N LEU A 44 16.08 20.99 26.77
CA LEU A 44 16.91 20.29 25.83
C LEU A 44 18.21 21.04 25.69
N ALA A 45 19.34 20.31 25.79
CA ALA A 45 20.67 20.87 25.78
C ALA A 45 20.85 21.98 26.79
N GLY A 46 20.25 21.85 27.98
CA GLY A 46 20.48 22.81 29.07
C GLY A 46 19.57 24.02 29.03
N GLN A 47 18.76 24.11 28.01
CA GLN A 47 17.96 25.28 27.76
C GLN A 47 16.46 24.93 27.80
N THR A 48 15.67 25.82 28.40
CA THR A 48 14.21 25.71 28.33
C THR A 48 13.70 26.29 27.04
N TRP A 49 12.98 25.48 26.28
CA TRP A 49 12.31 25.89 25.06
C TRP A 49 10.79 25.95 25.19
N TYR A 50 10.17 26.94 24.56
CA TYR A 50 8.74 27.16 24.68
C TYR A 50 8.04 26.83 23.37
N TRP A 51 7.27 25.74 23.38
CA TRP A 51 6.61 25.28 22.20
C TRP A 51 5.14 25.67 22.21
N LYS A 52 4.59 25.74 21.01
CA LYS A 52 3.20 26.02 20.81
C LYS A 52 2.73 25.19 19.63
N VAL A 53 1.60 24.50 19.82
CA VAL A 53 0.84 23.84 18.74
C VAL A 53 -0.39 24.70 18.41
N ALA A 54 -0.55 25.01 17.13
CA ALA A 54 -1.67 25.81 16.61
C ALA A 54 -2.32 25.15 15.38
N PRO A 55 -3.60 24.72 15.47
CA PRO A 55 -4.37 24.29 14.29
C PRO A 55 -4.45 25.37 13.23
N VAL A 56 -4.46 24.93 11.99
CA VAL A 56 -4.41 25.81 10.83
C VAL A 56 -5.67 25.57 10.06
N ALA A 57 -6.40 26.65 9.80
CA ALA A 57 -7.60 26.61 8.97
C ALA A 57 -7.27 26.10 7.57
N THR A 58 -8.13 25.23 7.06
CA THR A 58 -7.93 24.65 5.75
C THR A 58 -9.17 24.93 4.86
N THR A 59 -8.98 24.86 3.55
CA THR A 59 -10.06 25.10 2.57
C THR A 59 -10.44 23.78 1.90
N GLN A 60 -10.39 22.69 2.66
CA GLN A 60 -10.76 21.38 2.18
C GLN A 60 -11.11 20.50 3.37
N PRO A 61 -11.83 19.38 3.11
CA PRO A 61 -12.26 18.52 4.20
C PRO A 61 -11.34 17.32 4.45
N LEU A 62 -10.31 17.15 3.62
CA LEU A 62 -9.52 15.92 3.64
C LEU A 62 -8.37 15.98 4.69
N LEU A 63 -7.67 17.09 4.76
CA LEU A 63 -6.52 17.19 5.65
C LEU A 63 -6.69 18.28 6.68
N LYS A 64 -6.31 17.97 7.92
CA LYS A 64 -6.14 18.96 8.98
C LYS A 64 -4.66 19.34 9.06
N ALA A 65 -4.39 20.57 9.46
CA ALA A 65 -3.03 21.07 9.54
C ALA A 65 -2.81 21.65 10.93
N PHE A 66 -1.57 21.61 11.39
CA PHE A 66 -1.17 22.31 12.59
C PHE A 66 0.23 22.79 12.40
N ASP A 67 0.55 23.82 13.17
CA ASP A 67 1.89 24.38 13.27
C ASP A 67 2.41 24.08 14.65
N VAL A 68 3.66 23.68 14.69
CA VAL A 68 4.45 23.57 15.90
C VAL A 68 5.55 24.65 15.78
N SER A 69 5.57 25.57 16.73
CA SER A 69 6.58 26.63 16.78
C SER A 69 7.30 26.54 18.11
N VAL A 70 8.61 26.84 18.10
CA VAL A 70 9.49 26.77 19.27
C VAL A 70 10.29 28.08 19.35
N ALA A 71 10.30 28.63 20.55
CA ALA A 71 10.85 29.95 20.86
C ALA A 71 11.67 29.87 22.16
N ALA A 72 12.55 30.86 22.34
CA ALA A 72 13.42 30.97 23.50
C ALA A 72 12.75 31.58 24.76
N THR A 73 11.60 32.23 24.59
CA THR A 73 10.77 32.69 25.71
C THR A 73 9.30 32.60 25.37
N THR A 74 8.44 32.88 26.37
CA THR A 74 6.99 32.84 26.21
C THR A 74 6.46 33.92 25.28
N GLN A 75 7.23 35.02 25.15
CA GLN A 75 6.85 36.18 24.33
C GLN A 75 7.55 36.19 22.96
N ALA A 76 8.67 35.48 22.84
CA ALA A 76 9.58 35.62 21.70
C ALA A 76 8.99 35.04 20.42
N SER A 77 9.41 35.62 19.29
CA SER A 77 9.17 35.02 17.99
C SER A 77 9.90 33.70 17.92
N PRO A 78 9.29 32.72 17.25
CA PRO A 78 9.88 31.41 17.20
C PRO A 78 11.19 31.35 16.40
N ILE A 79 12.05 30.45 16.81
CA ILE A 79 13.24 30.12 16.08
C ILE A 79 12.79 29.26 14.91
N ILE A 80 11.88 28.33 15.17
CA ILE A 80 11.40 27.40 14.15
C ILE A 80 9.89 27.23 14.19
N THR A 81 9.29 27.19 13.01
CA THR A 81 7.91 26.80 12.84
C THR A 81 7.84 25.73 11.75
N VAL A 82 7.08 24.66 12.04
CA VAL A 82 6.88 23.56 11.10
C VAL A 82 5.39 23.23 11.05
N ARG A 83 4.89 23.15 9.81
CA ARG A 83 3.49 22.79 9.49
C ARG A 83 3.42 21.33 9.14
N SER A 84 2.42 20.65 9.65
CA SER A 84 2.20 19.25 9.33
C SER A 84 0.73 19.02 9.06
N TYR A 85 0.45 17.89 8.42
CA TYR A 85 -0.90 17.56 7.93
C TYR A 85 -1.28 16.18 8.36
N VAL A 86 -2.52 16.04 8.74
CA VAL A 86 -3.05 14.80 9.30
C VAL A 86 -4.29 14.46 8.50
N ALA A 87 -4.44 13.19 8.16
CA ALA A 87 -5.62 12.71 7.41
C ALA A 87 -6.84 12.91 8.30
N SER A 88 -7.86 13.57 7.77
CA SER A 88 -9.11 13.81 8.52
C SER A 88 -9.95 12.54 8.55
N GLU A 89 -9.78 11.68 7.54
CA GLU A 89 -10.54 10.42 7.40
C GLU A 89 -9.61 9.24 7.06
N ASN A 90 -8.46 9.18 7.75
CA ASN A 90 -7.53 8.03 7.69
C ASN A 90 -8.25 6.69 7.87
N GLU B 9 39.40 29.70 15.19
CA GLU B 9 40.19 28.59 15.79
C GLU B 9 39.28 27.56 16.44
N LEU B 10 38.88 27.81 17.69
CA LEU B 10 38.02 26.90 18.45
C LEU B 10 36.60 26.83 17.89
N SER B 11 36.19 27.91 17.21
CA SER B 11 34.91 27.97 16.49
C SER B 11 34.87 26.97 15.33
N GLN B 12 36.04 26.57 14.82
CA GLN B 12 36.12 25.47 13.85
C GLN B 12 35.75 24.13 14.51
N GLU B 13 36.26 23.87 15.72
CA GLU B 13 36.02 22.62 16.45
C GLU B 13 34.56 22.48 16.91
N ARG B 14 33.91 23.61 17.18
CA ARG B 14 32.51 23.63 17.56
C ARG B 14 31.61 23.39 16.36
N THR B 15 32.03 23.87 15.19
CA THR B 15 31.30 23.62 13.97
C THR B 15 31.40 22.13 13.66
N ALA B 16 32.59 21.55 13.77
CA ALA B 16 32.80 20.11 13.54
C ALA B 16 32.00 19.21 14.49
N ARG B 17 31.85 19.65 15.73
CA ARG B 17 31.03 18.95 16.71
C ARG B 17 29.52 19.00 16.36
N LEU B 18 29.02 20.17 15.98
CA LEU B 18 27.63 20.30 15.59
C LEU B 18 27.32 19.53 14.31
N ASN B 19 28.28 19.51 13.40
CA ASN B 19 28.22 18.69 12.19
C ASN B 19 28.17 17.19 12.49
N GLU B 20 28.98 16.75 13.45
CA GLU B 20 28.95 15.39 13.93
C GLU B 20 27.60 15.00 14.47
N LEU B 21 27.03 15.89 15.29
CA LEU B 21 25.73 15.69 15.89
C LEU B 21 24.60 15.65 14.89
N GLN B 22 24.62 16.56 13.94
CA GLN B 22 23.67 16.52 12.81
C GLN B 22 23.70 15.16 12.11
N ARG B 23 24.90 14.66 11.81
CA ARG B 23 25.07 13.34 11.22
C ARG B 23 24.48 12.21 12.03
N ALA B 24 24.77 12.23 13.33
CA ALA B 24 24.21 11.26 14.27
C ALA B 24 22.67 11.27 14.26
N LEU B 25 22.07 12.46 14.23
CA LEU B 25 20.62 12.59 14.33
C LEU B 25 19.94 12.09 13.07
N VAL B 26 20.59 12.34 11.93
CA VAL B 26 20.07 11.84 10.65
C VAL B 26 20.02 10.32 10.65
N MSE B 27 21.12 9.69 11.06
CA MSE B 27 21.19 8.23 11.21
C MSE B 27 20.15 7.64 12.15
O MSE B 27 19.50 6.65 11.84
CB MSE B 27 22.60 7.85 11.67
CG MSE B 27 22.82 6.34 11.69
SE MSE B 27 22.99 5.54 9.90
CE MSE B 27 24.96 5.79 9.84
N MSE B 28 19.98 8.25 13.30
CA MSE B 28 18.98 7.83 14.29
C MSE B 28 17.56 8.04 13.83
O MSE B 28 16.69 7.24 14.16
CB MSE B 28 19.16 8.60 15.58
CG MSE B 28 20.51 8.37 16.20
SE MSE B 28 20.74 9.40 17.83
CE MSE B 28 19.09 8.96 18.79
N ASP B 29 17.33 9.11 13.08
CA ASP B 29 16.04 9.36 12.46
C ASP B 29 15.74 8.24 11.49
N SER B 30 16.75 7.86 10.71
CA SER B 30 16.56 6.83 9.70
C SER B 30 16.15 5.50 10.36
N ASP B 31 16.74 5.20 11.51
CA ASP B 31 16.55 3.91 12.18
C ASP B 31 15.27 3.87 13.02
N PHE B 32 15.14 4.81 13.94
CA PHE B 32 14.06 4.81 14.89
C PHE B 32 12.69 5.15 14.27
N ARG B 33 12.68 5.85 13.15
CA ARG B 33 11.44 6.08 12.44
C ARG B 33 10.99 4.89 11.57
N GLN B 34 11.87 3.91 11.35
CA GLN B 34 11.60 2.79 10.48
C GLN B 34 11.67 1.45 11.24
N ILE B 35 11.30 1.49 12.51
CA ILE B 35 11.24 0.28 13.36
C ILE B 35 10.18 -0.68 12.82
N ALA B 36 10.54 -1.96 12.75
CA ALA B 36 9.66 -2.96 12.15
C ALA B 36 9.07 -3.93 13.20
N LEU B 37 7.81 -4.28 12.99
CA LEU B 37 7.08 -5.26 13.75
C LEU B 37 7.58 -6.66 13.35
N ARG B 38 8.76 -6.99 13.84
N ARG B 38 8.75 -6.99 13.86
CA ARG B 38 9.48 -8.21 13.47
CA ARG B 38 9.45 -8.21 13.49
C ARG B 38 10.35 -8.61 14.65
C ARG B 38 10.32 -8.60 14.67
N GLN B 39 10.05 -9.76 15.23
CA GLN B 39 10.82 -10.25 16.38
C GLN B 39 12.22 -10.72 15.96
N THR B 40 13.20 -10.48 16.84
CA THR B 40 14.59 -10.84 16.60
C THR B 40 15.10 -11.66 17.80
N ARG B 41 16.07 -12.55 17.58
CA ARG B 41 16.52 -13.45 18.64
C ARG B 41 17.41 -12.74 19.64
N THR B 42 17.19 -13.07 20.91
CA THR B 42 18.15 -12.92 22.05
C THR B 42 17.47 -12.29 23.26
N SER B 48 14.41 -17.61 22.36
CA SER B 48 13.66 -16.48 22.90
C SER B 48 13.86 -15.23 22.04
N LYS B 49 12.77 -14.77 21.43
CA LYS B 49 12.80 -13.62 20.53
C LYS B 49 12.18 -12.43 21.24
N LYS B 50 12.53 -11.23 20.78
CA LYS B 50 11.88 -9.98 21.24
C LYS B 50 11.68 -9.02 20.06
N LEU B 51 10.64 -8.20 20.20
CA LEU B 51 10.43 -7.03 19.33
C LEU B 51 11.52 -5.93 19.55
N LEU B 52 11.72 -5.52 20.80
CA LEU B 52 12.73 -4.51 21.20
C LEU B 52 13.60 -5.08 22.32
N HIS B 53 14.91 -5.03 22.13
CA HIS B 53 15.85 -5.50 23.12
C HIS B 53 16.45 -4.25 23.75
N TRP B 54 16.47 -4.23 25.07
CA TRP B 54 16.80 -3.05 25.85
C TRP B 54 17.32 -3.52 27.22
N ALA B 55 18.63 -3.43 27.42
CA ALA B 55 19.22 -3.94 28.67
C ALA B 55 20.58 -3.36 28.88
N ASP B 56 20.99 -3.32 30.15
CA ASP B 56 22.36 -3.00 30.51
C ASP B 56 23.28 -3.97 29.80
N TYR B 57 24.37 -3.46 29.23
CA TYR B 57 25.42 -4.29 28.63
C TYR B 57 24.99 -5.03 27.33
N LEU B 58 23.79 -4.76 26.79
CA LEU B 58 23.43 -5.33 25.49
C LEU B 58 24.45 -4.89 24.45
N LEU B 59 24.78 -5.84 23.58
CA LEU B 59 25.77 -5.65 22.53
C LEU B 59 27.11 -5.19 23.09
N ASP B 60 27.43 -5.57 24.33
CA ASP B 60 28.68 -5.19 24.96
C ASP B 60 28.77 -3.69 25.28
N SER B 61 27.64 -3.01 25.35
CA SER B 61 27.62 -1.63 25.78
C SER B 61 28.26 -1.47 27.17
N ASP B 62 28.92 -0.33 27.41
CA ASP B 62 29.43 0.07 28.76
C ASP B 62 28.25 0.51 29.64
N ASN B 63 27.11 0.89 29.05
CA ASN B 63 25.89 0.98 29.83
C ASN B 63 24.72 0.34 29.09
N LYS B 64 23.69 1.12 28.77
CA LYS B 64 22.51 0.53 28.12
C LYS B 64 22.78 0.26 26.69
N GLY B 65 22.14 -0.77 26.18
CA GLY B 65 22.02 -0.98 24.73
C GLY B 65 20.63 -1.31 24.24
N ILE B 66 20.38 -1.02 22.96
CA ILE B 66 19.07 -1.28 22.32
C ILE B 66 19.30 -2.01 21.00
N MSE B 67 18.35 -2.89 20.65
CA MSE B 67 18.41 -3.60 19.39
C MSE B 67 17.01 -3.85 18.91
O MSE B 67 16.14 -4.22 19.70
CB MSE B 67 19.18 -4.93 19.51
CG MSE B 67 19.50 -5.57 18.13
SE MSE B 67 20.43 -7.28 18.23
CE MSE B 67 19.06 -8.44 19.07
N PHE B 68 16.84 -3.70 17.60
CA PHE B 68 15.54 -3.86 16.94
C PHE B 68 15.67 -4.13 15.42
N ALA B 69 14.59 -4.67 14.84
CA ALA B 69 14.47 -4.84 13.37
C ALA B 69 14.04 -3.51 12.76
N ARG B 70 14.51 -3.18 11.57
CA ARG B 70 14.01 -2.01 10.91
C ARG B 70 13.76 -2.27 9.42
N LEU B 71 12.82 -1.51 8.83
CA LEU B 71 12.67 -1.45 7.38
C LEU B 71 13.95 -0.90 6.78
N GLY B 72 14.69 -1.72 6.05
CA GLY B 72 15.90 -1.29 5.35
C GLY B 72 15.60 -0.62 4.03
N TRP B 73 14.71 -1.22 3.23
CA TRP B 73 14.26 -0.67 1.94
C TRP B 73 13.06 -1.47 1.35
N HIS B 74 12.36 -0.89 0.37
CA HIS B 74 11.39 -1.64 -0.46
C HIS B 74 12.11 -2.29 -1.59
N ASN B 75 11.79 -3.56 -1.83
CA ASN B 75 12.36 -4.29 -2.96
C ASN B 75 11.60 -3.87 -4.23
N PRO B 76 12.21 -4.00 -5.42
CA PRO B 76 11.55 -3.67 -6.70
C PRO B 76 10.27 -4.47 -6.93
N GLN B 77 9.27 -3.89 -7.62
CA GLN B 77 7.84 -4.35 -7.55
C GLN B 77 7.58 -5.87 -7.66
N GLN B 78 8.30 -6.49 -8.57
CA GLN B 78 8.22 -7.92 -8.80
C GLN B 78 8.54 -8.77 -7.54
N GLN B 79 9.38 -8.23 -6.66
CA GLN B 79 9.98 -9.06 -5.61
C GLN B 79 9.09 -9.29 -4.40
N PHE B 80 9.09 -10.53 -3.91
CA PHE B 80 8.49 -10.85 -2.60
C PHE B 80 9.58 -11.29 -1.61
N PRO B 81 9.54 -10.81 -0.36
CA PRO B 81 8.66 -9.81 0.20
C PRO B 81 8.97 -8.42 -0.33
N ARG B 82 8.06 -7.52 -0.07
CA ARG B 82 8.11 -6.16 -0.56
CA ARG B 82 8.15 -6.18 -0.59
C ARG B 82 9.14 -5.36 0.20
N GLY B 83 9.20 -5.57 1.50
CA GLY B 83 10.12 -4.84 2.40
C GLY B 83 11.25 -5.74 2.81
N GLU B 84 12.48 -5.25 2.75
CA GLU B 84 13.64 -5.95 3.28
C GLU B 84 13.90 -5.42 4.69
N VAL B 85 13.77 -6.31 5.67
CA VAL B 85 13.97 -5.96 7.09
C VAL B 85 15.44 -6.25 7.44
N THR B 86 16.11 -5.22 7.99
CA THR B 86 17.49 -5.33 8.50
C THR B 86 17.44 -5.24 10.01
N LYS B 87 18.57 -5.24 10.67
CA LYS B 87 18.58 -5.20 12.15
C LYS B 87 19.65 -4.21 12.55
N VAL B 88 19.34 -3.36 13.54
CA VAL B 88 20.26 -2.33 14.00
C VAL B 88 20.28 -2.29 15.56
N GLY B 89 21.39 -1.83 16.13
CA GLY B 89 21.42 -1.51 17.55
C GLY B 89 22.29 -0.33 17.89
N TYR B 90 22.18 0.15 19.12
CA TYR B 90 22.99 1.28 19.59
C TYR B 90 23.59 0.88 20.94
N ARG B 91 24.78 1.34 21.19
CA ARG B 91 25.46 1.09 22.46
C ARG B 91 26.46 2.19 22.72
N ILE B 92 26.96 2.25 23.95
CA ILE B 92 28.06 3.14 24.30
C ILE B 92 29.34 2.32 24.48
N LYS B 93 30.40 2.74 23.82
CA LYS B 93 31.73 2.20 24.06
C LYS B 93 32.71 3.32 24.28
N ASP B 94 33.22 3.41 25.51
CA ASP B 94 34.18 4.41 25.90
C ASP B 94 33.73 5.81 25.54
N GLU B 95 32.54 6.13 26.05
CA GLU B 95 31.85 7.40 25.84
C GLU B 95 31.65 7.74 24.35
N ARG B 96 31.55 6.71 23.52
CA ARG B 96 31.14 6.84 22.15
C ARG B 96 29.78 6.14 21.93
N LEU B 97 28.84 6.84 21.32
CA LEU B 97 27.68 6.18 20.76
C LEU B 97 28.11 5.51 19.45
N GLU B 98 27.81 4.21 19.36
CA GLU B 98 28.07 3.38 18.21
C GLU B 98 26.78 2.79 17.75
N ARG B 99 26.63 2.69 16.42
CA ARG B 99 25.49 2.05 15.78
C ARG B 99 25.96 0.77 15.13
N VAL B 100 25.23 -0.31 15.37
CA VAL B 100 25.59 -1.61 14.87
C VAL B 100 24.50 -2.06 13.92
N TRP B 101 24.88 -2.71 12.85
CA TRP B 101 23.96 -2.97 11.74
C TRP B 101 24.17 -4.38 11.25
N TRP B 102 23.07 -5.08 11.05
CA TRP B 102 23.08 -6.38 10.44
C TRP B 102 22.14 -6.42 9.25
N ARG B 103 22.59 -7.05 8.18
CA ARG B 103 21.79 -7.20 6.96
C ARG B 103 20.54 -8.07 7.15
N TYR B 104 20.65 -9.14 7.94
CA TYR B 104 19.53 -10.04 8.21
C TYR B 104 19.13 -9.97 9.68
N PRO B 105 17.82 -9.97 9.97
CA PRO B 105 17.40 -9.96 11.38
C PRO B 105 17.72 -11.24 12.15
N ASP B 106 17.92 -12.35 11.43
CA ASP B 106 18.32 -13.60 12.06
C ASP B 106 19.73 -13.89 11.62
N THR B 107 20.66 -13.74 12.55
CA THR B 107 22.08 -13.65 12.24
C THR B 107 22.90 -14.49 13.25
N PRO B 108 23.74 -15.45 12.75
CA PRO B 108 24.59 -16.26 13.62
C PRO B 108 25.46 -15.45 14.58
N GLN B 111 27.53 -13.99 13.06
CA GLN B 111 27.80 -12.71 12.39
C GLN B 111 28.01 -11.56 13.37
N GLU B 112 29.20 -10.99 13.37
CA GLU B 112 29.45 -9.69 13.99
C GLU B 112 28.82 -8.58 13.11
N GLY B 113 28.34 -7.52 13.74
CA GLY B 113 27.65 -6.45 13.03
C GLY B 113 28.62 -5.42 12.49
N VAL B 114 28.13 -4.58 11.58
CA VAL B 114 28.87 -3.44 11.05
C VAL B 114 28.74 -2.26 12.03
N VAL B 115 29.85 -1.88 12.63
CA VAL B 115 29.90 -0.83 13.65
C VAL B 115 30.22 0.52 13.07
N THR B 116 29.37 1.50 13.38
CA THR B 116 29.63 2.88 13.05
C THR B 116 29.80 3.70 14.32
N PRO B 117 31.02 4.25 14.53
CA PRO B 117 31.20 5.33 15.53
C PRO B 117 30.41 6.57 15.16
N LEU B 118 29.29 6.79 15.83
CA LEU B 118 28.38 7.85 15.44
C LEU B 118 28.62 9.20 16.16
N LEU B 119 28.96 9.12 17.44
CA LEU B 119 29.04 10.32 18.25
C LEU B 119 29.91 10.13 19.49
N SER B 120 30.98 10.91 19.55
CA SER B 120 31.92 10.89 20.65
C SER B 120 31.38 11.70 21.82
N ASP B 121 31.97 11.50 22.97
CA ASP B 121 31.55 12.20 24.19
C ASP B 121 30.06 12.08 24.50
N VAL B 122 29.58 10.84 24.48
CA VAL B 122 28.20 10.51 24.89
C VAL B 122 28.34 9.68 26.14
N GLU B 123 27.84 10.15 27.26
CA GLU B 123 28.00 9.43 28.50
C GLU B 123 26.98 8.31 28.65
N GLU B 124 25.75 8.59 28.22
CA GLU B 124 24.62 7.74 28.54
C GLU B 124 23.70 7.70 27.34
N LEU B 125 23.04 6.54 27.23
CA LEU B 125 21.93 6.25 26.40
C LEU B 125 20.78 5.83 27.33
N ASN B 126 19.66 6.53 27.26
CA ASN B 126 18.43 6.13 27.92
C ASN B 126 17.20 6.14 26.99
N VAL B 127 16.40 5.10 27.07
CA VAL B 127 15.23 4.94 26.21
C VAL B 127 14.02 4.66 27.06
N ARG B 128 12.91 5.32 26.73
CA ARG B 128 11.63 5.15 27.39
C ARG B 128 10.57 4.85 26.37
N PHE B 129 9.56 4.12 26.79
CA PHE B 129 8.57 3.54 25.93
C PHE B 129 7.22 3.99 26.41
N TYR B 130 6.44 4.52 25.48
CA TYR B 130 5.10 4.94 25.75
C TYR B 130 4.14 3.78 25.55
N ASP B 131 3.52 3.38 26.66
CA ASP B 131 2.66 2.21 26.68
C ASP B 131 1.19 2.59 26.53
N GLY B 132 0.92 3.85 26.18
CA GLY B 132 -0.44 4.30 25.90
C GLY B 132 -0.92 5.23 26.99
N LYS B 133 -0.40 5.06 28.20
CA LYS B 133 -0.71 5.95 29.31
C LYS B 133 0.50 6.53 30.03
N GLN B 134 1.61 5.79 30.13
CA GLN B 134 2.83 6.34 30.71
C GLN B 134 4.07 6.01 29.86
N TRP B 135 5.14 6.74 30.11
CA TRP B 135 6.48 6.42 29.66
C TRP B 135 7.12 5.49 30.70
N ILE B 136 7.49 4.28 30.29
CA ILE B 136 8.07 3.28 31.18
C ILE B 136 9.50 2.97 30.71
N ASN B 137 10.21 2.15 31.49
CA ASN B 137 11.65 1.99 31.32
C ASN B 137 12.05 0.62 30.73
N GLU B 138 11.06 -0.17 30.36
CA GLU B 138 11.35 -1.42 29.68
C GLU B 138 10.19 -1.76 28.77
N TRP B 139 10.42 -2.68 27.85
CA TRP B 139 9.35 -3.12 26.96
C TRP B 139 9.33 -4.63 26.85
N SER B 140 8.34 -5.26 27.49
CA SER B 140 8.31 -6.70 27.54
C SER B 140 7.10 -7.27 26.81
N ASN B 141 6.34 -6.41 26.15
CA ASN B 141 5.25 -6.84 25.30
C ASN B 141 5.84 -7.28 23.97
N GLU B 142 5.78 -8.59 23.69
CA GLU B 142 6.41 -9.16 22.51
C GLU B 142 5.45 -9.17 21.30
N LEU B 143 4.19 -8.80 21.54
CA LEU B 143 3.15 -8.84 20.53
C LEU B 143 2.94 -7.54 19.75
N THR B 144 3.32 -6.42 20.34
CA THR B 144 3.09 -5.10 19.76
C THR B 144 4.22 -4.14 20.19
N LEU B 145 4.50 -3.12 19.37
CA LEU B 145 5.53 -2.15 19.70
C LEU B 145 4.89 -1.09 20.59
N PRO B 146 5.70 -0.33 21.33
CA PRO B 146 5.13 0.84 22.00
C PRO B 146 4.69 1.88 20.96
N ALA B 147 3.62 2.65 21.25
CA ALA B 147 3.13 3.66 20.32
C ALA B 147 4.23 4.73 19.98
N ALA B 148 5.13 4.96 20.93
CA ALA B 148 6.23 5.93 20.82
C ALA B 148 7.44 5.50 21.67
N ILE B 149 8.60 5.99 21.26
CA ILE B 149 9.88 5.72 21.88
C ILE B 149 10.59 7.08 22.00
N SER B 150 11.19 7.34 23.15
CA SER B 150 11.98 8.54 23.41
C SER B 150 13.41 8.05 23.63
N VAL B 151 14.31 8.53 22.80
CA VAL B 151 15.72 8.22 22.87
C VAL B 151 16.42 9.45 23.41
N GLU B 152 17.01 9.31 24.61
CA GLU B 152 17.78 10.38 25.23
C GLU B 152 19.28 10.08 25.29
N LEU B 153 20.09 11.04 24.85
CA LEU B 153 21.55 11.02 24.95
C LEU B 153 22.01 12.08 25.93
N THR B 154 23.00 11.75 26.74
CA THR B 154 23.67 12.67 27.63
C THR B 154 25.06 12.89 27.01
N LEU B 155 25.22 14.10 26.46
CA LEU B 155 26.47 14.56 25.92
C LEU B 155 27.28 15.30 26.98
N LYS B 156 28.59 15.11 26.94
CA LYS B 156 29.53 15.73 27.83
C LYS B 156 29.46 17.26 27.80
N ASP B 157 29.30 17.77 26.60
CA ASP B 157 29.25 19.20 26.34
C ASP B 157 27.81 19.75 26.41
N TYR B 158 26.90 19.18 25.67
CA TYR B 158 25.55 19.74 25.56
C TYR B 158 24.55 19.28 26.66
N GLY B 159 24.91 18.24 27.41
CA GLY B 159 24.01 17.63 28.39
C GLY B 159 22.98 16.71 27.72
N LYS B 160 21.80 16.63 28.31
CA LYS B 160 20.72 15.80 27.78
C LYS B 160 20.01 16.37 26.56
N ILE B 161 19.91 15.56 25.51
CA ILE B 161 19.03 15.86 24.36
C ILE B 161 18.22 14.57 24.09
N ALA B 162 17.00 14.73 23.59
CA ALA B 162 16.08 13.62 23.41
C ALA B 162 15.32 13.75 22.09
N ARG B 163 15.07 12.61 21.46
CA ARG B 163 14.17 12.51 20.29
CA ARG B 163 14.17 12.51 20.29
C ARG B 163 13.06 11.46 20.52
N THR B 164 11.83 11.84 20.20
CA THR B 164 10.65 11.00 20.28
C THR B 164 10.22 10.56 18.90
N TYR B 165 9.98 9.26 18.75
CA TYR B 165 9.66 8.66 17.47
C TYR B 165 8.43 7.79 17.60
N LEU B 166 7.53 7.86 16.60
CA LEU B 166 6.32 7.01 16.62
C LEU B 166 6.59 5.72 15.86
N THR B 167 5.96 4.63 16.28
CA THR B 167 6.16 3.33 15.67
C THR B 167 4.98 3.00 14.81
N PRO B 168 5.15 1.99 13.93
CA PRO B 168 3.97 1.54 13.17
C PRO B 168 2.95 0.76 14.01
N GLU B 169 1.68 0.90 13.65
CA GLU B 169 0.60 0.19 14.34
C GLU B 169 0.55 -1.23 13.85
N GLY B 170 0.17 -2.14 14.75
CA GLY B 170 0.00 -3.56 14.42
C GLY B 170 0.36 -4.50 15.57
N ASN B 171 -0.31 -5.65 15.57
CA ASN B 171 -0.14 -6.68 16.58
C ASN B 171 0.35 -7.96 15.93
N LEU B 172 1.23 -8.66 16.64
CA LEU B 172 1.57 -10.03 16.28
C LEU B 172 0.66 -11.01 17.05
N GLN B 173 0.47 -12.20 16.48
CA GLN B 173 -0.33 -13.25 17.11
C GLN B 173 0.45 -14.07 18.15
N LYS B 174 -0.25 -14.59 19.16
CA LYS B 174 0.32 -15.52 20.14
C LYS B 174 -0.31 -16.91 19.97
N THR C 7 42.44 -14.28 8.06
CA THR C 7 41.04 -13.86 8.35
C THR C 7 40.57 -12.79 7.37
N VAL C 8 41.40 -11.76 7.16
CA VAL C 8 41.01 -10.68 6.25
C VAL C 8 40.79 -11.14 4.79
N GLY C 9 41.62 -12.06 4.31
CA GLY C 9 41.51 -12.61 2.95
C GLY C 9 40.24 -13.42 2.70
N TYR C 10 39.82 -14.18 3.70
CA TYR C 10 38.53 -14.84 3.67
C TYR C 10 37.39 -13.82 3.72
N LEU C 11 37.49 -12.81 4.58
CA LEU C 11 36.44 -11.78 4.70
C LEU C 11 36.30 -10.95 3.42
N GLU C 12 37.42 -10.67 2.74
CA GLU C 12 37.40 -10.10 1.41
C GLU C 12 36.61 -10.96 0.39
N GLN C 13 36.94 -12.24 0.31
CA GLN C 13 36.26 -13.12 -0.63
C GLN C 13 34.73 -13.09 -0.38
N LYS C 14 34.36 -13.08 0.89
CA LYS C 14 32.96 -13.14 1.27
C LYS C 14 32.22 -11.86 0.80
N MSE C 15 32.78 -10.71 1.15
CA MSE C 15 32.26 -9.42 0.76
C MSE C 15 32.20 -9.21 -0.75
O MSE C 15 31.21 -8.76 -1.25
CB MSE C 15 33.14 -8.33 1.35
CG MSE C 15 32.61 -6.89 1.13
SE MSE C 15 33.64 -5.57 2.14
CE MSE C 15 34.44 -6.77 3.48
N PHE C 16 33.25 -9.55 -1.47
CA PHE C 16 33.23 -9.31 -2.89
C PHE C 16 32.30 -10.27 -3.67
N ALA C 17 32.22 -11.54 -3.28
CA ALA C 17 31.27 -12.51 -3.89
C ALA C 17 29.84 -12.12 -3.63
N ALA C 18 29.57 -11.55 -2.43
CA ALA C 18 28.23 -11.11 -2.08
C ALA C 18 27.79 -9.95 -2.92
N MSE C 19 28.74 -9.06 -3.27
CA MSE C 19 28.51 -7.95 -4.16
C MSE C 19 28.10 -8.40 -5.57
O MSE C 19 27.22 -7.82 -6.16
CB MSE C 19 29.74 -7.06 -4.27
CG MSE C 19 30.13 -6.29 -3.01
SE MSE C 19 31.58 -4.97 -3.33
CE MSE C 19 30.56 -3.60 -4.28
N VAL C 20 28.79 -9.40 -6.11
CA VAL C 20 28.47 -10.00 -7.40
C VAL C 20 27.12 -10.72 -7.39
N ALA C 21 26.84 -11.46 -6.30
CA ALA C 21 25.54 -12.08 -6.08
C ALA C 21 24.38 -11.05 -6.14
N ASP C 22 24.51 -9.95 -5.41
CA ASP C 22 23.56 -8.84 -5.46
C ASP C 22 23.39 -8.22 -6.87
N ASN C 23 24.50 -7.98 -7.57
CA ASN C 23 24.48 -7.42 -8.95
C ASN C 23 23.77 -8.32 -9.97
N GLN C 24 24.00 -9.63 -9.84
CA GLN C 24 23.32 -10.60 -10.68
C GLN C 24 21.84 -10.84 -10.33
N MSE C 25 21.48 -10.81 -9.04
CA MSE C 25 20.06 -10.88 -8.61
CA MSE C 25 20.09 -10.88 -8.60
C MSE C 25 19.28 -9.73 -9.23
O MSE C 25 18.14 -9.95 -9.69
CB MSE C 25 19.84 -10.80 -7.10
CB MSE C 25 19.99 -10.79 -7.07
CG MSE C 25 18.42 -10.20 -6.79
CG MSE C 25 20.28 -12.07 -6.32
SE MSE C 25 17.73 -10.03 -4.99
SE MSE C 25 20.02 -11.95 -4.37
CE MSE C 25 19.26 -9.11 -4.12
CE MSE C 25 19.31 -10.15 -4.19
N ALA C 26 19.85 -8.54 -9.17
CA ALA C 26 19.30 -7.35 -9.75
C ALA C 26 18.97 -7.55 -11.25
N MSE C 27 19.92 -8.09 -11.99
CA MSE C 27 19.71 -8.38 -13.42
C MSE C 27 18.62 -9.45 -13.66
O MSE C 27 17.88 -9.36 -14.64
CB MSE C 27 21.04 -8.78 -14.10
CG MSE C 27 22.14 -7.71 -14.03
SE MSE C 27 21.54 -5.95 -14.68
CE MSE C 27 20.46 -5.21 -13.27
N VAL C 28 18.52 -10.44 -12.76
CA VAL C 28 17.42 -11.39 -12.83
C VAL C 28 16.08 -10.64 -12.65
N MSE C 29 16.02 -9.81 -11.61
CA MSE C 29 14.80 -9.09 -11.24
C MSE C 29 14.33 -8.14 -12.29
O MSE C 29 13.13 -7.94 -12.40
CB MSE C 29 15.02 -8.31 -9.93
CG MSE C 29 15.12 -9.16 -8.68
SE MSE C 29 13.54 -10.29 -8.40
CE MSE C 29 14.08 -10.97 -6.67
N LEU C 30 15.24 -7.57 -13.07
CA LEU C 30 14.86 -6.76 -14.25
C LEU C 30 13.89 -7.46 -15.21
N ASN C 31 14.09 -8.74 -15.45
CA ASN C 31 13.16 -9.48 -16.32
C ASN C 31 13.11 -10.93 -15.92
N PRO C 32 12.28 -11.23 -14.91
CA PRO C 32 12.20 -12.57 -14.31
C PRO C 32 11.30 -13.61 -15.01
N LYS C 33 10.52 -13.22 -16.02
CA LYS C 33 9.53 -14.13 -16.63
C LYS C 33 10.16 -15.05 -17.68
N LEU C 35 12.55 -16.37 -16.29
CA LEU C 35 13.51 -16.91 -15.33
C LEU C 35 14.08 -18.18 -15.92
N LYS C 36 15.37 -18.20 -16.18
CA LYS C 36 16.02 -19.40 -16.71
C LYS C 36 17.41 -19.57 -16.12
N ALA C 37 17.89 -20.82 -16.14
CA ALA C 37 19.23 -21.15 -15.71
C ALA C 37 20.20 -20.39 -16.59
N SER C 38 21.12 -19.64 -15.98
CA SER C 38 22.18 -18.99 -16.72
C SER C 38 23.42 -18.81 -15.84
N ASN C 39 24.50 -18.37 -16.47
CA ASN C 39 25.73 -18.14 -15.77
C ASN C 39 26.68 -17.26 -16.54
N GLY C 40 27.72 -16.82 -15.83
CA GLY C 40 28.64 -15.85 -16.34
C GLY C 40 29.82 -15.54 -15.44
N GLU C 41 30.55 -14.50 -15.83
CA GLU C 41 31.73 -14.07 -15.13
C GLU C 41 31.67 -12.57 -14.92
N GLU C 42 31.89 -12.15 -13.70
CA GLU C 42 31.97 -10.73 -13.35
C GLU C 42 33.36 -10.52 -12.74
N GLU C 43 34.04 -9.49 -13.21
CA GLU C 43 35.30 -9.04 -12.67
C GLU C 43 34.97 -8.03 -11.58
N LEU C 44 35.45 -8.28 -10.37
CA LEU C 44 35.22 -7.38 -9.26
C LEU C 44 36.42 -7.49 -8.31
N ALA C 45 36.95 -6.33 -7.88
CA ALA C 45 38.12 -6.21 -7.01
C ALA C 45 39.34 -6.96 -7.57
N GLY C 46 39.49 -6.95 -8.89
CA GLY C 46 40.61 -7.61 -9.52
C GLY C 46 40.52 -9.11 -9.67
N GLN C 47 39.36 -9.70 -9.40
CA GLN C 47 39.19 -11.15 -9.45
C GLN C 47 38.01 -11.47 -10.36
N THR C 48 38.11 -12.59 -11.08
CA THR C 48 36.98 -13.07 -11.86
C THR C 48 36.14 -13.95 -10.99
N TRP C 49 34.86 -13.62 -10.93
CA TRP C 49 33.86 -14.37 -10.17
C TRP C 49 32.88 -15.09 -11.12
N TYR C 50 32.57 -16.33 -10.78
CA TYR C 50 31.79 -17.22 -11.64
C TYR C 50 30.42 -17.40 -11.01
N TRP C 51 29.42 -16.72 -11.60
CA TRP C 51 28.07 -16.74 -11.06
C TRP C 51 27.15 -17.68 -11.81
N LYS C 52 26.08 -18.06 -11.13
CA LYS C 52 25.16 -19.05 -11.61
C LYS C 52 23.78 -18.71 -11.08
N VAL C 53 22.82 -18.55 -11.99
CA VAL C 53 21.40 -18.36 -11.67
C VAL C 53 20.63 -19.67 -11.92
N ALA C 54 19.92 -20.16 -10.89
CA ALA C 54 19.18 -21.43 -10.93
C ALA C 54 17.74 -21.25 -10.41
N PRO C 55 16.72 -21.47 -11.27
CA PRO C 55 15.34 -21.57 -10.78
C PRO C 55 15.15 -22.62 -9.70
N VAL C 56 14.24 -22.33 -8.79
CA VAL C 56 13.96 -23.20 -7.68
C VAL C 56 12.45 -23.48 -7.69
N ALA C 57 12.10 -24.76 -7.62
CA ALA C 57 10.71 -25.19 -7.67
C ALA C 57 9.97 -24.68 -6.44
N THR C 58 8.67 -24.40 -6.62
CA THR C 58 7.81 -23.94 -5.54
C THR C 58 6.41 -24.57 -5.62
N GLN C 60 3.68 -23.98 -4.76
CA GLN C 60 2.63 -22.98 -4.97
C GLN C 60 2.73 -22.26 -6.32
N PRO C 61 1.60 -21.67 -6.78
CA PRO C 61 1.54 -20.99 -8.08
C PRO C 61 1.90 -19.50 -8.06
N LEU C 62 2.12 -18.94 -6.87
CA LEU C 62 2.18 -17.48 -6.70
C LEU C 62 3.60 -16.90 -6.87
N LEU C 63 4.59 -17.63 -6.37
CA LEU C 63 5.95 -17.13 -6.37
C LEU C 63 6.87 -17.96 -7.27
N LYS C 64 7.79 -17.30 -7.96
CA LYS C 64 8.95 -17.98 -8.55
C LYS C 64 10.16 -17.75 -7.63
N ALA C 65 11.08 -18.69 -7.59
CA ALA C 65 12.28 -18.58 -6.78
C ALA C 65 13.50 -18.79 -7.69
N PHE C 66 14.60 -18.11 -7.36
CA PHE C 66 15.86 -18.38 -8.03
C PHE C 66 16.94 -18.25 -6.98
N ASP C 67 17.99 -19.04 -7.17
CA ASP C 67 19.23 -18.94 -6.39
C ASP C 67 20.30 -18.32 -7.25
N VAL C 68 21.04 -17.39 -6.68
CA VAL C 68 22.23 -16.86 -7.31
C VAL C 68 23.43 -17.35 -6.49
N SER C 69 24.36 -18.03 -7.15
CA SER C 69 25.54 -18.52 -6.48
C SER C 69 26.81 -18.02 -7.19
N VAL C 70 27.84 -17.71 -6.40
CA VAL C 70 29.11 -17.12 -6.88
C VAL C 70 30.26 -17.91 -6.29
N ALA C 71 31.17 -18.29 -7.18
CA ALA C 71 32.29 -19.20 -6.89
C ALA C 71 33.56 -18.61 -7.47
N ALA C 72 34.70 -19.15 -7.06
CA ALA C 72 36.03 -18.69 -7.50
C ALA C 72 36.51 -19.35 -8.78
N THR C 73 35.82 -20.44 -9.17
CA THR C 73 36.08 -21.13 -10.44
C THR C 73 34.78 -21.77 -10.87
N THR C 74 34.77 -22.35 -12.08
CA THR C 74 33.58 -22.99 -12.63
C THR C 74 33.38 -24.35 -11.99
N GLN C 75 34.43 -24.89 -11.37
CA GLN C 75 34.45 -26.23 -10.76
C GLN C 75 34.14 -26.17 -9.25
N ALA C 76 34.19 -25.00 -8.65
CA ALA C 76 34.25 -24.85 -7.21
C ALA C 76 32.88 -24.73 -6.60
N SER C 77 32.80 -25.11 -5.32
CA SER C 77 31.62 -24.87 -4.52
C SER C 77 31.43 -23.37 -4.35
N PRO C 78 30.18 -22.92 -4.24
CA PRO C 78 29.99 -21.47 -4.11
C PRO C 78 30.44 -20.90 -2.77
N ILE C 79 31.02 -19.69 -2.81
CA ILE C 79 31.34 -18.93 -1.61
C ILE C 79 30.02 -18.45 -0.99
N ILE C 80 29.08 -18.06 -1.84
CA ILE C 80 27.77 -17.53 -1.42
C ILE C 80 26.60 -18.00 -2.32
N THR C 81 25.46 -18.28 -1.69
CA THR C 81 24.22 -18.54 -2.41
C THR C 81 23.11 -17.70 -1.79
N VAL C 82 22.43 -16.91 -2.62
CA VAL C 82 21.29 -16.13 -2.20
C VAL C 82 20.06 -16.56 -2.99
N ARG C 83 18.95 -16.75 -2.29
CA ARG C 83 17.67 -17.08 -2.86
C ARG C 83 16.75 -15.87 -2.82
N SER C 84 16.01 -15.63 -3.90
CA SER C 84 15.06 -14.56 -3.99
C SER C 84 13.80 -15.05 -4.65
N TYR C 85 12.70 -14.34 -4.38
CA TYR C 85 11.38 -14.70 -4.89
C TYR C 85 10.77 -13.58 -5.69
N VAL C 86 10.06 -13.99 -6.74
CA VAL C 86 9.45 -13.09 -7.69
C VAL C 86 7.98 -13.45 -7.86
N ALA C 87 7.14 -12.44 -7.98
CA ALA C 87 5.71 -12.65 -8.13
C ALA C 87 5.40 -13.23 -9.52
N SER C 88 4.59 -14.29 -9.61
CA SER C 88 4.07 -14.75 -10.92
C SER C 88 2.86 -13.91 -11.37
N GLN D 12 45.25 -5.74 10.53
CA GLN D 12 45.24 -4.50 11.36
C GLN D 12 44.64 -3.37 10.54
N GLU D 13 45.48 -2.76 9.69
CA GLU D 13 45.03 -1.75 8.74
C GLU D 13 44.05 -2.34 7.72
N ARG D 14 44.34 -3.55 7.25
CA ARG D 14 43.52 -4.25 6.26
C ARG D 14 42.12 -4.60 6.75
N THR D 15 42.01 -4.93 8.04
CA THR D 15 40.73 -5.21 8.66
C THR D 15 39.91 -3.91 8.83
N ALA D 16 40.58 -2.85 9.30
CA ALA D 16 39.97 -1.53 9.41
C ALA D 16 39.52 -1.02 8.04
N ARG D 17 40.31 -1.27 7.01
CA ARG D 17 40.00 -0.88 5.64
C ARG D 17 38.78 -1.65 5.12
N LEU D 18 38.75 -2.95 5.33
CA LEU D 18 37.59 -3.78 5.04
C LEU D 18 36.34 -3.26 5.77
N ASN D 19 36.48 -2.88 7.03
CA ASN D 19 35.36 -2.38 7.79
C ASN D 19 34.88 -1.03 7.25
N GLU D 20 35.82 -0.15 6.89
CA GLU D 20 35.46 1.11 6.28
C GLU D 20 34.65 0.86 4.99
N LEU D 21 35.11 -0.07 4.14
CA LEU D 21 34.40 -0.40 2.92
C LEU D 21 33.00 -0.93 3.17
N GLN D 22 32.90 -1.84 4.13
CA GLN D 22 31.62 -2.36 4.57
C GLN D 22 30.62 -1.26 4.93
N ARG D 23 31.04 -0.30 5.74
CA ARG D 23 30.21 0.83 6.12
C ARG D 23 29.78 1.66 4.89
N ALA D 24 30.74 1.96 4.02
CA ALA D 24 30.47 2.70 2.76
C ALA D 24 29.35 2.04 1.98
N LEU D 25 29.45 0.72 1.83
CA LEU D 25 28.49 -0.05 1.06
C LEU D 25 27.11 -0.08 1.66
N VAL D 26 27.03 -0.16 3.00
CA VAL D 26 25.73 -0.18 3.68
C VAL D 26 25.04 1.13 3.39
N MSE D 27 25.78 2.22 3.51
CA MSE D 27 25.26 3.54 3.27
C MSE D 27 24.75 3.75 1.84
O MSE D 27 23.62 4.23 1.64
CB MSE D 27 26.33 4.55 3.60
CG MSE D 27 26.11 5.92 3.01
SE MSE D 27 26.08 7.17 4.48
CE MSE D 27 24.29 6.55 5.02
N MSE D 28 25.58 3.43 0.86
CA MSE D 28 25.20 3.41 -0.57
C MSE D 28 24.03 2.54 -0.92
O MSE D 28 23.21 2.96 -1.68
CB MSE D 28 26.36 2.94 -1.42
CG MSE D 28 27.46 3.93 -1.52
SE MSE D 28 29.03 3.13 -2.37
CE MSE D 28 28.23 2.29 -4.00
N ASP D 29 23.95 1.33 -0.37
CA ASP D 29 22.73 0.50 -0.46
C ASP D 29 21.51 1.28 0.05
N SER D 30 21.66 1.93 1.20
CA SER D 30 20.56 2.65 1.82
C SER D 30 20.04 3.74 0.91
N ASP D 31 20.93 4.40 0.17
CA ASP D 31 20.56 5.54 -0.68
C ASP D 31 20.07 5.07 -2.04
N PHE D 32 20.86 4.25 -2.73
CA PHE D 32 20.57 3.83 -4.11
C PHE D 32 19.43 2.82 -4.31
N ARG D 33 19.13 2.05 -3.28
CA ARG D 33 17.93 1.24 -3.28
C ARG D 33 16.66 1.99 -2.89
N GLN D 34 16.77 3.28 -2.55
CA GLN D 34 15.59 4.08 -2.16
C GLN D 34 15.44 5.37 -2.98
N ILE D 35 15.82 5.31 -4.26
CA ILE D 35 15.69 6.46 -5.16
C ILE D 35 14.21 6.77 -5.31
N ALA D 36 13.89 8.05 -5.19
CA ALA D 36 12.52 8.50 -5.20
C ALA D 36 12.29 9.11 -6.59
N LEU D 37 11.15 8.73 -7.17
CA LEU D 37 10.68 9.24 -8.44
C LEU D 37 10.13 10.64 -8.17
N ARG D 38 11.04 11.59 -8.08
CA ARG D 38 10.73 12.96 -7.72
C ARG D 38 11.85 13.87 -8.24
N GLN D 39 11.50 14.86 -9.06
CA GLN D 39 12.51 15.78 -9.63
C GLN D 39 13.07 16.74 -8.60
N THR D 40 14.36 17.02 -8.73
CA THR D 40 15.08 17.97 -7.88
C THR D 40 15.72 19.06 -8.75
N ARG D 41 16.06 20.18 -8.12
CA ARG D 41 16.51 21.34 -8.87
C ARG D 41 18.02 21.48 -8.96
N THR D 42 18.42 21.83 -10.18
CA THR D 42 19.59 22.65 -10.54
C THR D 42 19.79 22.59 -12.07
N LYS D 49 15.26 21.19 -13.80
CA LYS D 49 15.16 20.20 -12.76
C LYS D 49 15.14 18.81 -13.36
N LYS D 50 15.77 17.86 -12.68
CA LYS D 50 15.94 16.51 -13.18
C LYS D 50 15.59 15.46 -12.11
N LEU D 51 15.37 14.23 -12.58
CA LEU D 51 15.25 13.07 -11.70
C LEU D 51 16.60 12.59 -11.17
N LEU D 52 17.61 12.56 -12.05
CA LEU D 52 18.96 12.17 -11.73
C LEU D 52 19.94 13.21 -12.23
N HIS D 53 20.76 13.76 -11.35
CA HIS D 53 21.78 14.74 -11.75
C HIS D 53 23.12 13.98 -11.80
N TRP D 54 23.74 13.95 -12.97
CA TRP D 54 25.00 13.27 -13.23
C TRP D 54 25.83 14.10 -14.19
N ALA D 55 26.88 14.71 -13.66
CA ALA D 55 27.67 15.71 -14.37
C ALA D 55 29.02 15.94 -13.68
N ASP D 56 30.00 16.23 -14.50
CA ASP D 56 31.32 16.74 -14.08
C ASP D 56 31.14 17.89 -13.10
N TYR D 57 31.85 17.80 -11.98
CA TYR D 57 31.90 18.81 -10.90
C TYR D 57 30.59 19.10 -10.19
N LEU D 58 29.58 18.27 -10.43
CA LEU D 58 28.35 18.40 -9.65
C LEU D 58 28.72 18.29 -8.16
N LEU D 59 28.08 19.15 -7.36
CA LEU D 59 28.31 19.26 -5.93
C LEU D 59 29.73 19.63 -5.58
N ASP D 60 30.42 20.27 -6.50
CA ASP D 60 31.83 20.59 -6.35
C ASP D 60 32.68 19.31 -6.29
N SER D 61 32.22 18.25 -6.93
CA SER D 61 33.08 17.08 -7.04
C SER D 61 34.36 17.47 -7.77
N ASP D 62 35.48 16.85 -7.42
CA ASP D 62 36.70 16.97 -8.21
C ASP D 62 36.54 16.26 -9.57
N ASN D 63 35.73 15.21 -9.64
CA ASN D 63 35.31 14.72 -10.96
C ASN D 63 33.80 14.69 -11.12
N LYS D 64 33.24 13.49 -11.27
CA LYS D 64 31.81 13.33 -11.43
C LYS D 64 31.10 13.45 -10.10
N GLY D 65 29.89 14.03 -10.12
CA GLY D 65 28.98 13.98 -8.99
C GLY D 65 27.61 13.44 -9.42
N ILE D 66 26.88 12.84 -8.48
CA ILE D 66 25.55 12.32 -8.73
C ILE D 66 24.61 12.85 -7.64
N MSE D 67 23.40 13.20 -8.00
CA MSE D 67 22.43 13.70 -7.02
C MSE D 67 21.04 13.22 -7.38
O MSE D 67 20.67 13.20 -8.54
CB MSE D 67 22.46 15.23 -6.90
CG MSE D 67 21.61 15.75 -5.75
SE MSE D 67 21.54 17.73 -5.50
CE MSE D 67 20.28 18.20 -6.94
N PHE D 68 20.28 12.79 -6.38
CA PHE D 68 18.89 12.36 -6.55
C PHE D 68 18.10 12.51 -5.24
N ALA D 69 16.79 12.48 -5.39
CA ALA D 69 15.82 12.45 -4.30
C ALA D 69 15.73 11.03 -3.82
N ARG D 70 15.64 10.83 -2.50
CA ARG D 70 15.43 9.51 -1.98
C ARG D 70 14.36 9.43 -0.89
N LEU D 71 13.77 8.25 -0.76
CA LEU D 71 12.79 7.97 0.28
C LEU D 71 13.50 8.03 1.65
N GLY D 72 13.15 9.01 2.47
CA GLY D 72 13.74 9.14 3.82
C GLY D 72 13.19 8.17 4.86
N TRP D 73 11.89 8.24 5.08
CA TRP D 73 11.14 7.35 5.96
C TRP D 73 9.64 7.50 5.68
N HIS D 74 8.87 6.47 6.05
CA HIS D 74 7.43 6.55 6.10
C HIS D 74 7.04 7.32 7.36
N ASN D 75 6.02 8.14 7.25
CA ASN D 75 5.54 8.94 8.35
C ASN D 75 4.56 8.08 9.14
N PRO D 76 4.19 8.52 10.35
CA PRO D 76 3.19 7.73 11.05
C PRO D 76 1.86 7.74 10.27
N GLN D 77 1.03 6.76 10.60
CA GLN D 77 -0.14 6.35 9.80
C GLN D 77 -1.08 7.51 9.44
N GLN D 78 -1.36 8.32 10.45
CA GLN D 78 -2.22 9.47 10.36
C GLN D 78 -1.74 10.59 9.43
N GLN D 79 -0.44 10.69 9.24
CA GLN D 79 0.14 11.85 8.63
C GLN D 79 0.12 11.78 7.13
N PHE D 80 -0.11 12.92 6.52
CA PHE D 80 -0.02 13.06 5.08
C PHE D 80 1.06 14.10 4.79
N PRO D 81 2.00 13.84 3.86
CA PRO D 81 2.21 12.63 3.07
C PRO D 81 2.70 11.50 3.91
N ARG D 82 2.63 10.32 3.34
CA ARG D 82 2.88 9.07 4.03
C ARG D 82 4.35 8.82 4.12
N GLY D 83 5.12 9.56 3.36
CA GLY D 83 6.55 9.48 3.45
C GLY D 83 7.23 10.77 3.15
N GLU D 84 8.44 10.88 3.72
CA GLU D 84 9.26 12.07 3.67
C GLU D 84 10.44 11.75 2.77
N VAL D 85 10.48 12.50 1.67
CA VAL D 85 11.52 12.46 0.65
C VAL D 85 12.65 13.42 1.03
N THR D 86 13.86 12.89 1.04
CA THR D 86 15.07 13.67 1.22
C THR D 86 15.85 13.72 -0.12
N LYS D 87 17.05 14.28 -0.07
CA LYS D 87 17.90 14.43 -1.25
C LYS D 87 19.32 14.08 -0.80
N VAL D 88 19.98 13.22 -1.58
CA VAL D 88 21.37 12.82 -1.33
C VAL D 88 22.23 12.95 -2.60
N GLY D 89 23.54 13.12 -2.40
CA GLY D 89 24.52 13.13 -3.47
C GLY D 89 25.81 12.45 -3.10
N TYR D 90 26.56 12.04 -4.12
CA TYR D 90 27.89 11.47 -3.93
C TYR D 90 28.89 12.29 -4.75
N ARG D 91 30.07 12.51 -4.17
CA ARG D 91 31.16 13.20 -4.86
C ARG D 91 32.49 12.70 -4.34
N ILE D 92 33.54 12.99 -5.12
CA ILE D 92 34.92 12.76 -4.75
C ILE D 92 35.57 14.09 -4.39
N LYS D 93 36.22 14.13 -3.26
CA LYS D 93 36.92 15.31 -2.81
C LYS D 93 38.24 14.80 -2.29
N ASP D 94 39.32 15.14 -2.98
CA ASP D 94 40.67 14.77 -2.55
C ASP D 94 40.74 13.27 -2.40
N GLU D 95 40.34 12.57 -3.46
CA GLU D 95 40.26 11.11 -3.48
C GLU D 95 39.55 10.47 -2.28
N ARG D 96 38.59 11.18 -1.69
CA ARG D 96 37.62 10.58 -0.76
C ARG D 96 36.23 10.60 -1.39
N LEU D 97 35.51 9.49 -1.27
CA LEU D 97 34.07 9.45 -1.56
C LEU D 97 33.35 10.06 -0.36
N GLU D 98 32.57 11.11 -0.63
CA GLU D 98 31.74 11.76 0.36
C GLU D 98 30.29 11.69 -0.07
N ARG D 99 29.40 11.59 0.91
CA ARG D 99 27.96 11.54 0.68
C ARG D 99 27.38 12.80 1.33
N VAL D 100 26.54 13.51 0.58
CA VAL D 100 25.92 14.73 1.05
C VAL D 100 24.40 14.49 1.23
N TRP D 101 23.84 15.02 2.31
CA TRP D 101 22.45 14.80 2.68
C TRP D 101 21.75 16.13 2.87
N TRP D 102 20.53 16.23 2.34
CA TRP D 102 19.66 17.39 2.55
C TRP D 102 18.32 16.85 3.02
N ARG D 103 17.79 17.41 4.07
CA ARG D 103 16.48 17.06 4.58
C ARG D 103 15.38 17.30 3.53
N TYR D 104 15.51 18.37 2.76
CA TYR D 104 14.47 18.74 1.81
C TYR D 104 14.95 18.63 0.37
N PRO D 105 14.13 18.01 -0.51
CA PRO D 105 14.52 17.97 -1.93
C PRO D 105 14.61 19.37 -2.57
N ASP D 106 13.77 20.30 -2.11
CA ASP D 106 13.84 21.71 -2.51
C ASP D 106 14.55 22.50 -1.40
N THR D 107 15.72 23.04 -1.71
CA THR D 107 16.65 23.51 -0.69
C THR D 107 17.28 24.82 -1.19
N PRO D 108 17.27 25.89 -0.35
CA PRO D 108 17.73 27.20 -0.82
C PRO D 108 19.21 27.25 -1.16
N GLN D 111 21.74 26.00 0.14
CA GLN D 111 22.06 25.35 1.41
C GLN D 111 23.24 24.41 1.29
N GLU D 112 24.00 24.31 2.36
CA GLU D 112 25.04 23.28 2.46
C GLU D 112 24.35 22.00 2.97
N GLY D 113 24.83 20.85 2.53
CA GLY D 113 24.30 19.58 2.97
C GLY D 113 25.12 19.02 4.09
N VAL D 114 24.61 17.96 4.71
CA VAL D 114 25.30 17.24 5.80
C VAL D 114 26.25 16.24 5.12
N VAL D 115 27.55 16.49 5.29
CA VAL D 115 28.58 15.75 4.54
C VAL D 115 29.10 14.60 5.39
N THR D 116 29.05 13.39 4.84
CA THR D 116 29.63 12.22 5.47
C THR D 116 30.86 11.82 4.64
N PRO D 117 32.06 11.87 5.23
CA PRO D 117 33.20 11.31 4.46
C PRO D 117 33.10 9.79 4.51
N LEU D 118 32.89 9.16 3.37
CA LEU D 118 32.47 7.77 3.40
C LEU D 118 33.62 6.76 3.22
N LEU D 119 34.47 6.99 2.22
CA LEU D 119 35.54 6.06 1.91
C LEU D 119 36.76 6.79 1.32
N SER D 120 37.92 6.53 1.92
CA SER D 120 39.20 7.07 1.46
C SER D 120 39.78 6.25 0.32
N ASP D 121 40.70 6.85 -0.40
CA ASP D 121 41.42 6.21 -1.50
C ASP D 121 40.51 5.71 -2.61
N VAL D 122 39.60 6.60 -2.99
CA VAL D 122 38.73 6.44 -4.12
C VAL D 122 39.20 7.40 -5.21
N GLU D 123 39.81 6.86 -6.26
CA GLU D 123 40.28 7.65 -7.38
C GLU D 123 39.10 8.13 -8.22
N GLU D 124 38.13 7.23 -8.46
CA GLU D 124 37.06 7.48 -9.41
C GLU D 124 35.69 6.95 -8.98
N LEU D 125 34.67 7.73 -9.34
CA LEU D 125 33.27 7.39 -9.25
C LEU D 125 32.72 7.38 -10.66
N ASN D 126 32.11 6.26 -11.07
CA ASN D 126 31.42 6.20 -12.30
C ASN D 126 30.03 5.58 -12.16
N VAL D 127 29.05 6.15 -12.84
CA VAL D 127 27.68 5.62 -12.75
C VAL D 127 27.17 5.39 -14.15
N ARG D 128 26.54 4.24 -14.36
CA ARG D 128 25.94 3.90 -15.65
C ARG D 128 24.45 3.64 -15.48
N PHE D 129 23.72 3.63 -16.59
CA PHE D 129 22.25 3.67 -16.57
C PHE D 129 21.73 2.68 -17.58
N TYR D 130 20.82 1.83 -17.14
CA TYR D 130 20.27 0.77 -17.94
C TYR D 130 18.98 1.25 -18.59
N ASP D 131 19.01 1.35 -19.91
CA ASP D 131 17.89 1.92 -20.67
C ASP D 131 16.90 0.84 -21.15
N GLY D 132 17.05 -0.40 -20.67
CA GLY D 132 16.14 -1.48 -20.99
C GLY D 132 16.78 -2.52 -21.89
N LYS D 133 17.69 -2.06 -22.75
CA LYS D 133 18.42 -2.99 -23.63
C LYS D 133 19.95 -3.01 -23.35
N GLN D 134 20.52 -1.89 -22.95
CA GLN D 134 21.95 -1.83 -22.64
C GLN D 134 22.28 -0.75 -21.64
N TRP D 135 23.50 -0.82 -21.09
CA TRP D 135 24.03 0.22 -20.25
C TRP D 135 24.51 1.41 -21.05
N ILE D 136 24.12 2.61 -20.61
CA ILE D 136 24.53 3.89 -21.24
C ILE D 136 25.14 4.86 -20.21
N ASN D 137 25.78 5.91 -20.69
CA ASN D 137 26.64 6.75 -19.83
C ASN D 137 26.02 8.02 -19.28
N GLU D 138 24.89 8.44 -19.83
CA GLU D 138 24.18 9.62 -19.37
C GLU D 138 22.71 9.29 -19.18
N TRP D 139 21.98 10.13 -18.45
CA TRP D 139 20.54 9.94 -18.30
C TRP D 139 19.81 11.26 -18.41
N SER D 140 19.22 11.49 -19.58
CA SER D 140 18.56 12.76 -19.85
C SER D 140 17.03 12.70 -19.81
N ASN D 141 16.46 11.50 -19.73
CA ASN D 141 15.00 11.33 -19.64
C ASN D 141 14.48 11.75 -18.25
N GLU D 142 13.75 12.87 -18.19
CA GLU D 142 13.31 13.42 -16.90
C GLU D 142 11.91 12.98 -16.47
N LEU D 143 11.27 12.11 -17.25
CA LEU D 143 9.93 11.62 -16.93
C LEU D 143 9.94 10.24 -16.27
N THR D 144 11.02 9.49 -16.46
CA THR D 144 11.16 8.18 -15.83
C THR D 144 12.59 7.95 -15.39
N LEU D 145 12.76 7.10 -14.39
CA LEU D 145 14.11 6.66 -14.00
C LEU D 145 14.58 5.54 -14.94
N PRO D 146 15.90 5.35 -15.05
CA PRO D 146 16.37 4.16 -15.74
C PRO D 146 16.04 2.95 -14.87
N ALA D 147 15.71 1.81 -15.47
CA ALA D 147 15.27 0.63 -14.70
C ALA D 147 16.32 0.12 -13.70
N ALA D 148 17.60 0.31 -14.04
CA ALA D 148 18.72 -0.01 -13.17
C ALA D 148 19.82 1.07 -13.28
N ILE D 149 20.55 1.24 -12.17
CA ILE D 149 21.71 2.14 -12.06
C ILE D 149 22.93 1.31 -11.56
N SER D 150 24.09 1.55 -12.14
CA SER D 150 25.33 0.87 -11.76
C SER D 150 26.30 1.93 -11.21
N VAL D 151 26.74 1.79 -9.95
CA VAL D 151 27.69 2.70 -9.33
C VAL D 151 28.99 1.93 -9.23
N GLU D 152 30.03 2.44 -9.88
CA GLU D 152 31.34 1.83 -9.90
C GLU D 152 32.35 2.72 -9.15
N LEU D 153 33.11 2.14 -8.24
CA LEU D 153 34.21 2.88 -7.55
C LEU D 153 35.53 2.24 -7.92
N THR D 154 36.53 3.08 -8.20
CA THR D 154 37.89 2.62 -8.40
C THR D 154 38.71 2.99 -7.18
N LEU D 155 39.15 1.96 -6.44
CA LEU D 155 39.90 2.13 -5.20
C LEU D 155 41.36 1.92 -5.49
N LYS D 156 42.21 2.72 -4.84
CA LYS D 156 43.64 2.63 -5.05
C LYS D 156 44.21 1.26 -4.68
N ASP D 157 43.61 0.59 -3.70
CA ASP D 157 44.03 -0.73 -3.29
C ASP D 157 43.28 -1.87 -4.02
N TYR D 158 41.98 -1.98 -3.84
CA TYR D 158 41.20 -3.10 -4.36
C TYR D 158 40.85 -3.01 -5.87
N GLY D 159 41.07 -1.83 -6.48
CA GLY D 159 40.64 -1.59 -7.84
C GLY D 159 39.14 -1.33 -8.01
N LYS D 160 38.56 -1.80 -9.10
CA LYS D 160 37.15 -1.48 -9.40
C LYS D 160 36.20 -2.45 -8.73
N ILE D 161 35.22 -1.87 -8.04
CA ILE D 161 34.07 -2.62 -7.53
C ILE D 161 32.81 -1.87 -8.04
N ALA D 162 31.73 -2.60 -8.31
CA ALA D 162 30.49 -1.99 -8.77
C ALA D 162 29.27 -2.61 -8.10
N ARG D 163 28.20 -1.81 -7.96
CA ARG D 163 26.93 -2.28 -7.45
CA ARG D 163 26.93 -2.26 -7.43
C ARG D 163 25.81 -1.84 -8.40
N THR D 164 24.93 -2.77 -8.73
CA THR D 164 23.75 -2.52 -9.55
C THR D 164 22.52 -2.44 -8.64
N TYR D 165 21.72 -1.41 -8.85
CA TYR D 165 20.51 -1.19 -8.10
C TYR D 165 19.34 -1.00 -9.00
N LEU D 166 18.20 -1.53 -8.59
CA LEU D 166 16.94 -1.28 -9.31
C LEU D 166 16.17 -0.06 -8.80
N THR D 167 15.53 0.63 -9.75
CA THR D 167 14.72 1.80 -9.45
C THR D 167 13.24 1.47 -9.37
N PRO D 168 12.46 2.34 -8.71
CA PRO D 168 11.02 2.19 -8.70
C PRO D 168 10.43 2.49 -10.05
N GLU D 169 9.41 1.72 -10.42
CA GLU D 169 8.76 1.87 -11.73
C GLU D 169 7.78 3.03 -11.65
N GLY D 170 7.45 3.63 -12.79
CA GLY D 170 6.59 4.82 -12.83
C GLY D 170 7.09 5.92 -13.75
N ASN D 171 6.15 6.75 -14.20
CA ASN D 171 6.45 7.90 -15.06
C ASN D 171 5.87 9.18 -14.51
N LEU D 172 6.57 10.30 -14.76
CA LEU D 172 6.02 11.63 -14.53
C LEU D 172 5.40 12.18 -15.84
N GLN D 173 4.56 13.22 -15.72
CA GLN D 173 3.99 13.94 -16.87
C GLN D 173 4.79 15.22 -17.16
N LYS D 174 4.81 15.67 -18.42
CA LYS D 174 5.59 16.85 -18.83
C LYS D 174 5.03 18.16 -18.28
N THR E 7 -41.71 14.74 -10.99
CA THR E 7 -40.69 14.09 -10.10
C THR E 7 -39.65 13.32 -10.95
N VAL E 8 -40.12 12.53 -11.92
CA VAL E 8 -39.21 11.73 -12.77
C VAL E 8 -38.32 12.56 -13.74
N GLY E 9 -38.88 13.60 -14.38
CA GLY E 9 -38.10 14.50 -15.26
C GLY E 9 -36.89 15.08 -14.53
N TYR E 10 -37.14 15.54 -13.32
CA TYR E 10 -36.13 16.05 -12.42
C TYR E 10 -35.04 15.02 -12.13
N LEU E 11 -35.46 13.79 -11.87
CA LEU E 11 -34.56 12.70 -11.45
C LEU E 11 -33.73 12.23 -12.61
N GLU E 12 -34.29 12.26 -13.81
CA GLU E 12 -33.50 12.07 -15.04
C GLU E 12 -32.38 13.08 -15.20
N GLN E 13 -32.70 14.37 -15.05
CA GLN E 13 -31.70 15.40 -15.26
C GLN E 13 -30.54 15.24 -14.27
N LYS E 14 -30.84 14.95 -13.01
CA LYS E 14 -29.86 14.75 -11.94
C LYS E 14 -28.86 13.58 -12.18
N MSE E 15 -29.43 12.45 -12.54
CA MSE E 15 -28.68 11.28 -12.88
C MSE E 15 -27.85 11.43 -14.15
O MSE E 15 -26.74 10.90 -14.21
CB MSE E 15 -29.63 10.10 -13.03
CG MSE E 15 -28.93 8.77 -13.27
SE MSE E 15 -30.17 7.28 -13.48
CE MSE E 15 -31.78 8.08 -12.64
N PHE E 16 -28.39 12.09 -15.18
CA PHE E 16 -27.65 12.24 -16.42
C PHE E 16 -26.57 13.33 -16.39
N ALA E 17 -26.85 14.47 -15.77
CA ALA E 17 -25.82 15.48 -15.53
C ALA E 17 -24.67 14.85 -14.70
N ALA E 18 -25.02 14.04 -13.69
CA ALA E 18 -24.05 13.36 -12.86
C ALA E 18 -23.14 12.37 -13.64
N MSE E 19 -23.69 11.65 -14.63
CA MSE E 19 -22.88 10.83 -15.52
C MSE E 19 -21.88 11.65 -16.30
O MSE E 19 -20.76 11.23 -16.45
CB MSE E 19 -23.72 10.05 -16.51
CG MSE E 19 -24.65 9.06 -15.84
SE MSE E 19 -25.69 8.02 -17.10
CE MSE E 19 -24.27 7.07 -18.01
N VAL E 20 -22.29 12.82 -16.79
CA VAL E 20 -21.41 13.66 -17.55
C VAL E 20 -20.31 14.21 -16.63
N ALA E 21 -20.66 14.61 -15.41
CA ALA E 21 -19.68 15.07 -14.44
C ALA E 21 -18.55 14.03 -14.25
N ASP E 22 -18.92 12.79 -13.98
CA ASP E 22 -18.00 11.68 -13.87
C ASP E 22 -17.16 11.46 -15.11
N ASN E 23 -17.76 11.59 -16.28
CA ASN E 23 -17.02 11.39 -17.54
C ASN E 23 -15.91 12.46 -17.73
N GLN E 24 -16.27 13.70 -17.41
CA GLN E 24 -15.33 14.78 -17.57
C GLN E 24 -14.24 14.79 -16.47
N MSE E 25 -14.59 14.42 -15.23
CA MSE E 25 -13.58 14.26 -14.17
CA MSE E 25 -13.60 14.26 -14.18
C MSE E 25 -12.55 13.22 -14.57
O MSE E 25 -11.40 13.40 -14.34
CB MSE E 25 -14.20 13.82 -12.83
CB MSE E 25 -14.30 13.86 -12.87
CG MSE E 25 -13.13 13.20 -11.88
CG MSE E 25 -15.01 15.03 -12.23
SE MSE E 25 -13.82 12.53 -10.21
SE MSE E 25 -16.06 14.67 -10.62
CE MSE E 25 -15.72 12.90 -10.46
CE MSE E 25 -15.14 13.12 -9.92
N ALA E 26 -13.00 12.12 -15.16
CA ALA E 26 -12.12 11.09 -15.68
C ALA E 26 -11.11 11.69 -16.68
N MSE E 27 -11.59 12.55 -17.58
CA MSE E 27 -10.69 13.14 -18.59
C MSE E 27 -9.67 14.10 -17.98
O MSE E 27 -8.51 14.06 -18.36
CB MSE E 27 -11.50 13.79 -19.73
CG MSE E 27 -12.34 12.76 -20.52
SE MSE E 27 -11.38 11.14 -21.11
CE MSE E 27 -11.15 10.08 -19.50
N VAL E 28 -10.08 14.90 -16.99
CA VAL E 28 -9.15 15.72 -16.22
C VAL E 28 -8.10 14.81 -15.52
N MSE E 29 -8.57 13.82 -14.78
CA MSE E 29 -7.68 12.88 -14.08
C MSE E 29 -6.64 12.20 -14.97
O MSE E 29 -5.56 11.96 -14.50
CB MSE E 29 -8.48 11.80 -13.33
CG MSE E 29 -9.09 12.27 -12.05
SE MSE E 29 -7.82 13.20 -10.85
CE MSE E 29 -9.19 13.55 -9.47
N LEU E 30 -6.94 11.97 -16.24
CA LEU E 30 -5.91 11.45 -17.18
C LEU E 30 -4.64 12.31 -17.25
N ASN E 31 -4.79 13.63 -17.24
CA ASN E 31 -3.64 14.52 -17.38
C ASN E 31 -3.91 15.77 -16.52
N PRO E 32 -3.66 15.65 -15.21
CA PRO E 32 -4.03 16.63 -14.20
C PRO E 32 -2.97 17.70 -13.89
N LYS E 33 -1.70 17.43 -14.19
CA LYS E 33 -0.63 18.44 -14.11
C LYS E 33 -1.01 19.63 -15.00
N ASN E 34 -1.65 19.34 -16.12
CA ASN E 34 -2.19 20.35 -17.04
C ASN E 34 -3.56 20.86 -16.58
N LEU E 35 -3.68 21.25 -15.30
CA LEU E 35 -4.97 21.70 -14.75
C LEU E 35 -5.20 23.17 -15.11
N LYS E 36 -6.02 23.38 -16.13
CA LYS E 36 -6.40 24.70 -16.60
C LYS E 36 -7.91 24.68 -16.80
N ALA E 37 -8.53 25.85 -16.80
CA ALA E 37 -9.97 25.97 -17.02
C ALA E 37 -10.29 25.50 -18.44
N SER E 38 -11.32 24.67 -18.55
CA SER E 38 -11.88 24.32 -19.84
C SER E 38 -13.39 24.14 -19.75
N ASN E 39 -14.02 23.99 -20.90
CA ASN E 39 -15.46 23.83 -20.97
C ASN E 39 -15.81 23.21 -22.32
N GLY E 40 -16.94 22.52 -22.36
CA GLY E 40 -17.42 21.93 -23.60
C GLY E 40 -18.82 21.35 -23.49
N GLU E 41 -19.13 20.44 -24.40
CA GLU E 41 -20.44 19.84 -24.55
C GLU E 41 -20.34 18.34 -24.60
N GLU E 42 -21.32 17.66 -24.04
CA GLU E 42 -21.42 16.21 -24.11
C GLU E 42 -22.90 15.91 -24.33
N GLU E 43 -23.18 15.12 -25.34
CA GLU E 43 -24.51 14.60 -25.50
C GLU E 43 -24.66 13.29 -24.77
N LEU E 44 -25.74 13.18 -24.02
CA LEU E 44 -26.02 12.03 -23.22
C LEU E 44 -27.52 11.99 -23.07
N ALA E 45 -28.12 10.82 -23.34
CA ALA E 45 -29.57 10.59 -23.31
C ALA E 45 -30.36 11.61 -24.12
N GLY E 46 -29.79 12.05 -25.23
CA GLY E 46 -30.50 12.90 -26.17
C GLY E 46 -30.40 14.39 -25.92
N GLN E 47 -29.65 14.76 -24.88
CA GLN E 47 -29.59 16.12 -24.43
C GLN E 47 -28.14 16.56 -24.49
N THR E 48 -27.91 17.77 -24.96
CA THR E 48 -26.57 18.34 -24.90
C THR E 48 -26.35 19.00 -23.56
N TRP E 49 -25.31 18.57 -22.85
CA TRP E 49 -24.93 19.16 -21.58
C TRP E 49 -23.66 19.99 -21.67
N TYR E 50 -23.62 21.04 -20.86
CA TYR E 50 -22.54 22.01 -20.93
C TYR E 50 -21.70 21.87 -19.68
N TRP E 51 -20.49 21.36 -19.85
CA TRP E 51 -19.62 21.12 -18.72
C TRP E 51 -18.55 22.19 -18.63
N LYS E 52 -18.05 22.34 -17.40
CA LYS E 52 -17.03 23.31 -17.05
C LYS E 52 -16.03 22.65 -16.10
N VAL E 53 -14.74 22.80 -16.35
CA VAL E 53 -13.68 22.39 -15.39
C VAL E 53 -13.03 23.65 -14.85
N ALA E 54 -12.97 23.75 -13.51
CA ALA E 54 -12.44 24.94 -12.83
C ALA E 54 -11.46 24.57 -11.73
N PRO E 55 -10.16 24.91 -11.90
CA PRO E 55 -9.25 24.74 -10.74
C PRO E 55 -9.74 25.52 -9.56
N VAL E 56 -9.44 25.01 -8.37
CA VAL E 56 -9.97 25.53 -7.13
C VAL E 56 -8.84 25.89 -6.22
N ALA E 57 -8.72 27.19 -5.92
CA ALA E 57 -7.66 27.73 -5.06
C ALA E 57 -7.49 26.92 -3.79
N THR E 58 -6.25 26.83 -3.35
CA THR E 58 -5.88 25.94 -2.27
C THR E 58 -4.94 26.68 -1.29
N THR E 59 -4.97 26.28 -0.02
CA THR E 59 -4.17 26.90 1.05
C THR E 59 -2.90 26.10 1.37
N GLN E 60 -2.83 24.88 0.86
CA GLN E 60 -1.74 23.95 1.14
C GLN E 60 -0.99 23.60 -0.14
N PRO E 61 0.22 23.02 -0.02
CA PRO E 61 1.03 22.70 -1.19
C PRO E 61 0.89 21.25 -1.67
N LEU E 62 0.10 20.45 -0.98
CA LEU E 62 0.09 19.01 -1.25
C LEU E 62 -1.01 18.58 -2.25
N LEU E 63 -2.19 19.16 -2.12
CA LEU E 63 -3.30 18.81 -2.98
C LEU E 63 -3.67 19.95 -3.92
N LYS E 64 -3.81 19.65 -5.21
CA LYS E 64 -4.54 20.52 -6.13
C LYS E 64 -5.99 20.06 -6.17
N ALA E 65 -6.88 21.00 -6.46
CA ALA E 65 -8.30 20.73 -6.49
C ALA E 65 -8.91 21.28 -7.78
N PHE E 66 -10.02 20.70 -8.19
CA PHE E 66 -10.77 21.21 -9.32
C PHE E 66 -12.22 20.80 -9.20
N ASP E 67 -13.09 21.68 -9.72
CA ASP E 67 -14.53 21.48 -9.84
C ASP E 67 -14.91 21.13 -11.27
N VAL E 68 -15.81 20.16 -11.40
CA VAL E 68 -16.49 19.83 -12.66
C VAL E 68 -17.96 20.21 -12.44
N SER E 69 -18.48 21.09 -13.26
CA SER E 69 -19.89 21.48 -13.17
C SER E 69 -20.57 21.20 -14.50
N VAL E 70 -21.85 20.80 -14.45
CA VAL E 70 -22.66 20.44 -15.61
C VAL E 70 -24.03 21.15 -15.49
N ALA E 71 -24.44 21.80 -16.57
CA ALA E 71 -25.60 22.69 -16.65
C ALA E 71 -26.32 22.47 -18.01
N ALA E 72 -27.57 22.91 -18.11
CA ALA E 72 -28.42 22.70 -19.30
C ALA E 72 -28.19 23.70 -20.43
N THR E 73 -27.54 24.80 -20.12
CA THR E 73 -27.09 25.78 -21.12
C THR E 73 -25.77 26.37 -20.63
N THR E 74 -25.09 27.12 -21.50
CA THR E 74 -23.82 27.75 -21.21
C THR E 74 -23.93 28.88 -20.17
N GLN E 75 -25.14 29.43 -19.99
CA GLN E 75 -25.43 30.43 -18.97
C GLN E 75 -25.92 29.75 -17.66
N ALA E 76 -26.73 28.70 -17.78
CA ALA E 76 -27.51 28.18 -16.65
C ALA E 76 -26.66 27.89 -15.42
N SER E 77 -27.24 28.02 -14.23
CA SER E 77 -26.61 27.52 -13.00
C SER E 77 -26.48 25.99 -13.12
N PRO E 78 -25.40 25.42 -12.60
CA PRO E 78 -25.21 23.99 -12.82
C PRO E 78 -26.26 23.09 -12.13
N ILE E 79 -26.63 21.98 -12.77
CA ILE E 79 -27.41 20.93 -12.11
C ILE E 79 -26.56 20.27 -11.02
N ILE E 80 -25.29 20.00 -11.32
CA ILE E 80 -24.35 19.32 -10.39
C ILE E 80 -22.93 19.91 -10.51
N THR E 81 -22.27 20.03 -9.35
CA THR E 81 -20.88 20.39 -9.24
C THR E 81 -20.21 19.36 -8.32
N VAL E 82 -19.11 18.79 -8.81
CA VAL E 82 -18.30 17.86 -8.03
C VAL E 82 -16.87 18.37 -7.97
N ARG E 83 -16.34 18.43 -6.76
CA ARG E 83 -14.95 18.83 -6.48
C ARG E 83 -14.11 17.60 -6.24
N SER E 84 -12.93 17.57 -6.86
CA SER E 84 -11.97 16.47 -6.76
C SER E 84 -10.60 17.02 -6.44
N TYR E 85 -9.79 16.18 -5.80
CA TYR E 85 -8.42 16.52 -5.41
C TYR E 85 -7.42 15.59 -6.05
N VAL E 86 -6.29 16.17 -6.40
CA VAL E 86 -5.21 15.53 -7.13
C VAL E 86 -3.92 15.76 -6.33
N ALA E 87 -3.04 14.77 -6.28
CA ALA E 87 -1.73 14.92 -5.62
C ALA E 87 -0.77 15.72 -6.47
N SER E 88 0.21 16.36 -5.82
CA SER E 88 1.38 16.94 -6.55
C SER E 88 2.64 16.08 -6.41
N LEU F 10 -48.00 5.52 -15.27
CA LEU F 10 -46.81 5.87 -16.11
C LEU F 10 -45.68 6.39 -15.22
N SER F 11 -46.02 7.27 -14.28
CA SER F 11 -45.07 7.79 -13.28
C SER F 11 -44.37 6.65 -12.52
N GLN F 12 -45.16 5.67 -12.07
CA GLN F 12 -44.59 4.50 -11.40
C GLN F 12 -43.60 3.77 -12.31
N GLU F 13 -43.98 3.53 -13.58
CA GLU F 13 -43.16 2.71 -14.48
C GLU F 13 -41.88 3.42 -14.89
N ARG F 14 -41.96 4.73 -15.12
CA ARG F 14 -40.77 5.51 -15.48
C ARG F 14 -39.85 5.70 -14.27
N THR F 15 -40.44 5.77 -13.07
CA THR F 15 -39.68 5.79 -11.83
C THR F 15 -38.95 4.45 -11.63
N ALA F 16 -39.62 3.32 -11.94
CA ALA F 16 -38.98 2.00 -11.82
C ALA F 16 -37.84 1.81 -12.83
N ARG F 17 -38.03 2.28 -14.06
CA ARG F 17 -36.97 2.29 -15.07
C ARG F 17 -35.72 3.08 -14.61
N LEU F 18 -35.92 4.29 -14.08
CA LEU F 18 -34.77 5.02 -13.58
C LEU F 18 -34.02 4.30 -12.49
N ASN F 19 -34.74 3.70 -11.55
CA ASN F 19 -34.13 2.95 -10.44
C ASN F 19 -33.36 1.71 -10.95
N GLU F 20 -33.89 1.08 -11.98
CA GLU F 20 -33.21 -0.01 -12.67
C GLU F 20 -31.87 0.45 -13.28
N LEU F 21 -31.88 1.62 -13.89
CA LEU F 21 -30.68 2.24 -14.48
C LEU F 21 -29.66 2.61 -13.43
N GLN F 22 -30.10 3.23 -12.33
CA GLN F 22 -29.20 3.51 -11.22
C GLN F 22 -28.54 2.24 -10.71
N ARG F 23 -29.33 1.16 -10.56
CA ARG F 23 -28.79 -0.13 -10.13
C ARG F 23 -27.73 -0.63 -11.10
N ALA F 24 -28.01 -0.58 -12.39
CA ALA F 24 -27.05 -0.95 -13.46
C ALA F 24 -25.75 -0.15 -13.33
N LEU F 25 -25.86 1.15 -13.17
CA LEU F 25 -24.72 2.06 -13.10
C LEU F 25 -23.80 1.79 -11.92
N VAL F 26 -24.41 1.47 -10.77
CA VAL F 26 -23.67 1.19 -9.56
C VAL F 26 -22.83 -0.07 -9.77
N MSE F 27 -23.46 -1.08 -10.35
CA MSE F 27 -22.82 -2.34 -10.62
C MSE F 27 -21.67 -2.21 -11.65
O MSE F 27 -20.60 -2.81 -11.49
CB MSE F 27 -23.85 -3.33 -11.15
CG MSE F 27 -23.24 -4.61 -11.63
SE MSE F 27 -22.99 -5.82 -10.16
CE MSE F 27 -24.72 -6.72 -10.49
N MSE F 28 -21.94 -1.50 -12.72
CA MSE F 28 -20.90 -1.22 -13.73
C MSE F 28 -19.73 -0.41 -13.25
O MSE F 28 -18.59 -0.65 -13.68
CB MSE F 28 -21.49 -0.51 -14.91
CG MSE F 28 -22.44 -1.32 -15.72
SE MSE F 28 -23.33 -0.17 -16.99
CE MSE F 28 -21.79 0.76 -17.86
N ASP F 29 -20.01 0.58 -12.41
CA ASP F 29 -18.96 1.35 -11.73
C ASP F 29 -18.09 0.40 -10.92
N SER F 30 -18.73 -0.49 -10.16
CA SER F 30 -18.00 -1.41 -9.29
C SER F 30 -17.04 -2.28 -10.11
N ASP F 31 -17.45 -2.65 -11.32
CA ASP F 31 -16.61 -3.49 -12.19
C ASP F 31 -15.54 -2.72 -12.97
N PHE F 32 -15.95 -1.68 -13.67
CA PHE F 32 -15.09 -1.06 -14.68
C PHE F 32 -14.05 -0.13 -14.04
N ARG F 33 -14.35 0.35 -12.83
CA ARG F 33 -13.38 1.13 -12.08
C ARG F 33 -12.37 0.25 -11.36
N GLN F 34 -12.62 -1.06 -11.33
CA GLN F 34 -11.71 -2.00 -10.71
C GLN F 34 -11.12 -3.04 -11.65
N ILE F 35 -10.80 -2.64 -12.86
CA ILE F 35 -10.14 -3.54 -13.83
C ILE F 35 -8.75 -3.88 -13.31
N ALA F 36 -8.40 -5.15 -13.34
CA ALA F 36 -7.10 -5.66 -12.86
C ALA F 36 -6.17 -5.89 -14.04
N LEU F 37 -4.92 -5.48 -13.86
CA LEU F 37 -3.89 -5.69 -14.85
C LEU F 37 -3.47 -7.14 -14.71
N ARG F 38 -4.23 -8.01 -15.36
CA ARG F 38 -4.16 -9.44 -15.13
C ARG F 38 -4.80 -10.13 -16.32
N GLN F 39 -4.02 -10.95 -17.01
CA GLN F 39 -4.47 -11.59 -18.23
C GLN F 39 -5.38 -12.78 -17.95
N THR F 40 -6.35 -13.00 -18.85
CA THR F 40 -7.31 -14.10 -18.75
C THR F 40 -7.51 -14.77 -20.15
N ARG F 41 -8.02 -16.00 -20.18
CA ARG F 41 -8.27 -16.75 -21.43
C ARG F 41 -9.76 -16.88 -21.81
N THR F 42 -10.01 -17.30 -23.06
CA THR F 42 -11.32 -17.59 -23.72
C THR F 42 -11.74 -16.51 -24.72
N LYS F 49 -4.34 -15.66 -24.01
CA LYS F 49 -4.54 -14.66 -22.96
C LYS F 49 -4.65 -13.24 -23.51
N LYS F 50 -5.55 -12.46 -22.92
CA LYS F 50 -5.68 -11.03 -23.19
C LYS F 50 -5.88 -10.33 -21.86
N LEU F 51 -5.60 -9.03 -21.83
CA LEU F 51 -6.04 -8.17 -20.73
C LEU F 51 -7.54 -7.82 -20.85
N LEU F 52 -7.93 -7.32 -22.01
CA LEU F 52 -9.33 -6.99 -22.31
C LEU F 52 -9.79 -7.82 -23.49
N HIS F 53 -10.89 -8.55 -23.31
CA HIS F 53 -11.49 -9.31 -24.40
C HIS F 53 -12.64 -8.47 -24.93
N TRP F 54 -12.68 -8.31 -26.25
CA TRP F 54 -13.69 -7.48 -26.89
C TRP F 54 -13.91 -7.96 -28.31
N ALA F 55 -15.02 -8.65 -28.53
CA ALA F 55 -15.26 -9.35 -29.78
C ALA F 55 -16.73 -9.74 -29.89
N ASP F 56 -17.15 -9.98 -31.13
CA ASP F 56 -18.51 -10.39 -31.43
C ASP F 56 -18.81 -11.72 -30.77
N TYR F 57 -20.01 -11.86 -30.22
CA TYR F 57 -20.47 -13.13 -29.67
C TYR F 57 -19.62 -13.64 -28.53
N LEU F 58 -18.78 -12.79 -27.93
CA LEU F 58 -18.05 -13.18 -26.72
C LEU F 58 -19.09 -13.40 -25.64
N LEU F 59 -18.87 -14.43 -24.82
CA LEU F 59 -19.85 -14.84 -23.81
C LEU F 59 -21.22 -15.19 -24.40
N ASP F 60 -21.25 -15.58 -25.67
CA ASP F 60 -22.50 -15.84 -26.37
C ASP F 60 -23.40 -14.58 -26.44
N SER F 61 -22.78 -13.40 -26.43
CA SER F 61 -23.49 -12.14 -26.62
C SER F 61 -24.23 -12.18 -27.97
N ASP F 62 -25.36 -11.48 -28.11
CA ASP F 62 -26.01 -11.31 -29.42
C ASP F 62 -25.14 -10.43 -30.31
N ASN F 63 -24.53 -9.39 -29.74
CA ASN F 63 -23.52 -8.63 -30.48
C ASN F 63 -22.13 -8.75 -29.84
N LYS F 64 -21.51 -7.64 -29.45
CA LYS F 64 -20.17 -7.68 -28.89
C LYS F 64 -20.28 -8.08 -27.44
N GLY F 65 -19.21 -8.70 -26.93
CA GLY F 65 -19.05 -8.96 -25.51
C GLY F 65 -17.70 -8.41 -25.03
N ILE F 66 -17.64 -8.06 -23.76
CA ILE F 66 -16.44 -7.54 -23.09
C ILE F 66 -16.19 -8.46 -21.91
N MSE F 67 -14.93 -8.77 -21.64
CA MSE F 67 -14.56 -9.57 -20.48
C MSE F 67 -13.23 -9.09 -19.99
O MSE F 67 -12.38 -8.75 -20.81
CB MSE F 67 -14.48 -11.05 -20.81
CG MSE F 67 -14.24 -11.98 -19.56
SE MSE F 67 -14.25 -13.95 -19.97
CE MSE F 67 -12.56 -14.05 -20.97
N PHE F 68 -13.06 -9.06 -18.66
CA PHE F 68 -11.79 -8.64 -18.02
C PHE F 68 -11.69 -9.15 -16.56
N ALA F 69 -10.45 -9.25 -16.05
CA ALA F 69 -10.18 -9.55 -14.65
C ALA F 69 -10.46 -8.26 -13.89
N ARG F 70 -10.95 -8.37 -12.66
CA ARG F 70 -11.12 -7.20 -11.81
C ARG F 70 -10.75 -7.52 -10.35
N LEU F 71 -10.43 -6.48 -9.56
CA LEU F 71 -10.23 -6.66 -8.12
C LEU F 71 -11.56 -6.95 -7.48
N GLY F 72 -11.66 -8.12 -6.83
CA GLY F 72 -12.84 -8.53 -6.14
C GLY F 72 -12.87 -7.94 -4.76
N TRP F 73 -11.82 -8.21 -3.99
CA TRP F 73 -11.69 -7.66 -2.63
C TRP F 73 -10.26 -7.82 -2.07
N HIS F 74 -9.90 -7.02 -1.07
CA HIS F 74 -8.66 -7.23 -0.34
C HIS F 74 -8.89 -8.35 0.62
N ASN F 75 -7.94 -9.28 0.67
CA ASN F 75 -7.95 -10.36 1.62
C ASN F 75 -7.50 -9.88 3.00
N PRO F 76 -7.94 -10.57 4.07
CA PRO F 76 -7.45 -10.23 5.42
C PRO F 76 -5.91 -10.19 5.48
N GLN F 77 -5.35 -9.32 6.33
CA GLN F 77 -3.95 -8.85 6.17
C GLN F 77 -2.88 -9.94 6.26
N GLN F 78 -3.20 -11.00 6.99
CA GLN F 78 -2.37 -12.18 7.08
C GLN F 78 -2.29 -12.98 5.76
N GLN F 79 -3.31 -12.88 4.92
CA GLN F 79 -3.39 -13.72 3.74
C GLN F 79 -2.54 -13.20 2.59
N PHE F 80 -1.94 -14.14 1.86
CA PHE F 80 -1.30 -13.85 0.60
C PHE F 80 -2.00 -14.61 -0.50
N PRO F 81 -2.37 -13.96 -1.62
CA PRO F 81 -2.18 -12.59 -2.01
C PRO F 81 -3.09 -11.65 -1.28
N ARG F 82 -2.76 -10.37 -1.35
CA ARG F 82 -3.51 -9.37 -0.64
C ARG F 82 -4.78 -9.08 -1.39
N GLY F 83 -4.73 -9.14 -2.71
CA GLY F 83 -5.88 -8.91 -3.57
C GLY F 83 -6.42 -10.22 -4.08
N GLU F 84 -7.74 -10.41 -4.02
CA GLU F 84 -8.41 -11.52 -4.68
C GLU F 84 -8.98 -11.04 -6.03
N VAL F 85 -8.47 -11.59 -7.13
CA VAL F 85 -8.90 -11.18 -8.47
C VAL F 85 -10.06 -12.08 -8.96
N THR F 86 -11.15 -11.44 -9.35
CA THR F 86 -12.27 -12.14 -9.99
C THR F 86 -12.31 -11.82 -11.50
N LYS F 87 -13.23 -12.40 -12.25
CA LYS F 87 -13.38 -12.13 -13.70
C LYS F 87 -14.85 -11.79 -13.98
N VAL F 88 -15.08 -10.71 -14.73
CA VAL F 88 -16.47 -10.34 -15.09
C VAL F 88 -16.57 -10.09 -16.58
N GLY F 89 -17.78 -10.22 -17.09
CA GLY F 89 -18.08 -9.88 -18.47
C GLY F 89 -19.45 -9.25 -18.61
N TYR F 90 -19.64 -8.55 -19.74
CA TYR F 90 -20.91 -7.95 -20.11
C TYR F 90 -21.32 -8.40 -21.53
N ARG F 91 -22.60 -8.70 -21.69
CA ARG F 91 -23.15 -9.02 -23.00
C ARG F 91 -24.59 -8.52 -23.15
N ILE F 92 -25.09 -8.64 -24.38
CA ILE F 92 -26.47 -8.38 -24.69
C ILE F 92 -27.06 -9.71 -25.05
N LYS F 93 -28.21 -9.99 -24.45
CA LYS F 93 -29.00 -11.16 -24.78
C LYS F 93 -30.43 -10.69 -24.89
N ASP F 94 -30.93 -10.55 -26.12
CA ASP F 94 -32.33 -10.26 -26.37
C ASP F 94 -32.74 -8.91 -25.80
N GLU F 95 -31.97 -7.91 -26.21
CA GLU F 95 -32.08 -6.50 -25.78
C GLU F 95 -32.00 -6.29 -24.26
N ARG F 96 -31.30 -7.20 -23.60
CA ARG F 96 -30.96 -7.05 -22.20
C ARG F 96 -29.46 -7.02 -22.03
N LEU F 97 -28.97 -6.06 -21.24
CA LEU F 97 -27.60 -6.09 -20.73
C LEU F 97 -27.47 -7.08 -19.56
N GLU F 98 -26.58 -8.04 -19.73
CA GLU F 98 -26.27 -9.01 -18.70
C GLU F 98 -24.84 -8.90 -18.23
N ARG F 99 -24.68 -9.04 -16.92
CA ARG F 99 -23.38 -9.10 -16.27
C ARG F 99 -23.08 -10.55 -15.86
N VAL F 100 -21.94 -11.07 -16.30
CA VAL F 100 -21.56 -12.43 -15.93
C VAL F 100 -20.33 -12.35 -15.03
N TRP F 101 -20.29 -13.22 -14.01
CA TRP F 101 -19.32 -13.15 -12.92
C TRP F 101 -18.73 -14.50 -12.62
N TRP F 102 -17.41 -14.52 -12.49
CA TRP F 102 -16.64 -15.72 -12.12
C TRP F 102 -15.76 -15.44 -10.93
N ARG F 103 -15.81 -16.34 -9.95
CA ARG F 103 -14.98 -16.25 -8.75
C ARG F 103 -13.49 -16.32 -9.07
N TYR F 104 -13.12 -17.11 -10.07
CA TYR F 104 -11.71 -17.33 -10.40
C TYR F 104 -11.43 -16.88 -11.83
N PRO F 105 -10.36 -16.09 -12.04
CA PRO F 105 -10.09 -15.58 -13.38
C PRO F 105 -9.71 -16.69 -14.40
N ASP F 106 -9.10 -17.79 -13.93
CA ASP F 106 -8.80 -18.95 -14.77
C ASP F 106 -9.83 -20.07 -14.53
N THR F 107 -10.92 -20.03 -15.29
CA THR F 107 -12.10 -20.89 -15.08
C THR F 107 -12.32 -21.82 -16.27
N PRO F 108 -12.49 -23.15 -16.01
CA PRO F 108 -12.72 -24.12 -17.09
C PRO F 108 -13.99 -23.84 -17.88
N GLN F 111 -17.43 -24.24 -16.77
CA GLN F 111 -17.39 -23.05 -17.64
C GLN F 111 -18.34 -21.92 -17.23
N GLU F 112 -19.55 -22.27 -16.75
CA GLU F 112 -20.64 -21.28 -16.57
C GLU F 112 -20.45 -20.26 -15.42
N GLY F 113 -20.58 -18.98 -15.74
CA GLY F 113 -20.49 -17.90 -14.75
C GLY F 113 -21.84 -17.55 -14.16
N VAL F 114 -21.83 -16.76 -13.09
CA VAL F 114 -23.06 -16.25 -12.46
C VAL F 114 -23.65 -15.05 -13.23
N VAL F 115 -24.84 -15.24 -13.78
CA VAL F 115 -25.46 -14.28 -14.68
C VAL F 115 -26.44 -13.38 -13.96
N THR F 116 -26.30 -12.06 -14.16
CA THR F 116 -27.19 -11.05 -13.63
C THR F 116 -27.83 -10.25 -14.76
N PRO F 117 -29.16 -10.33 -14.92
CA PRO F 117 -29.84 -9.44 -15.87
C PRO F 117 -29.90 -8.03 -15.32
N LEU F 118 -29.15 -7.13 -15.94
CA LEU F 118 -28.89 -5.85 -15.32
C LEU F 118 -29.82 -4.73 -15.79
N LEU F 119 -30.20 -4.77 -17.07
CA LEU F 119 -30.87 -3.63 -17.69
C LEU F 119 -31.57 -4.09 -18.97
N SER F 120 -32.88 -3.88 -18.99
CA SER F 120 -33.74 -4.28 -20.09
C SER F 120 -33.73 -3.23 -21.20
N ASP F 121 -34.13 -3.60 -22.40
CA ASP F 121 -34.26 -2.65 -23.51
C ASP F 121 -32.98 -1.85 -23.72
N VAL F 122 -31.90 -2.61 -23.86
CA VAL F 122 -30.62 -2.10 -24.26
C VAL F 122 -30.42 -2.72 -25.64
N GLU F 123 -30.41 -1.88 -26.67
CA GLU F 123 -30.28 -2.35 -28.03
C GLU F 123 -28.84 -2.64 -28.39
N GLU F 124 -27.91 -1.91 -27.78
CA GLU F 124 -26.51 -2.07 -28.11
C GLU F 124 -25.61 -1.79 -26.91
N LEU F 125 -24.51 -2.56 -26.84
CA LEU F 125 -23.37 -2.34 -26.01
C LEU F 125 -22.19 -2.01 -26.90
N ASN F 126 -21.50 -0.92 -26.62
CA ASN F 126 -20.25 -0.63 -27.32
C ASN F 126 -19.15 -0.14 -26.37
N VAL F 127 -17.90 -0.43 -26.70
CA VAL F 127 -16.77 -0.07 -25.88
C VAL F 127 -15.67 0.51 -26.76
N ARG F 128 -15.18 1.66 -26.33
CA ARG F 128 -14.11 2.39 -27.00
C ARG F 128 -12.97 2.51 -26.02
N PHE F 129 -11.77 2.75 -26.58
CA PHE F 129 -10.53 2.61 -25.86
C PHE F 129 -9.70 3.82 -26.14
N TYR F 130 -9.17 4.42 -25.09
CA TYR F 130 -8.39 5.64 -25.24
C TYR F 130 -6.91 5.29 -25.28
N ASP F 131 -6.23 5.72 -26.33
CA ASP F 131 -4.83 5.34 -26.52
C ASP F 131 -3.84 6.44 -26.10
N GLY F 132 -4.33 7.42 -25.35
CA GLY F 132 -3.56 8.58 -24.90
C GLY F 132 -3.75 9.81 -25.75
N LYS F 133 -4.20 9.60 -26.99
CA LYS F 133 -4.43 10.71 -27.93
C LYS F 133 -5.86 10.65 -28.47
N GLN F 134 -6.33 9.45 -28.79
CA GLN F 134 -7.66 9.32 -29.34
C GLN F 134 -8.41 8.09 -28.86
N TRP F 135 -9.73 8.17 -29.06
CA TRP F 135 -10.59 7.04 -28.87
C TRP F 135 -10.54 6.16 -30.10
N ILE F 136 -10.41 4.87 -29.86
CA ILE F 136 -10.35 3.87 -30.90
C ILE F 136 -11.29 2.69 -30.58
N ASN F 137 -11.49 1.81 -31.55
CA ASN F 137 -12.55 0.80 -31.48
C ASN F 137 -12.08 -0.57 -30.99
N GLU F 138 -10.79 -0.85 -31.03
CA GLU F 138 -10.27 -2.16 -30.58
C GLU F 138 -9.07 -1.98 -29.66
N TRP F 139 -8.81 -2.99 -28.84
CA TRP F 139 -7.63 -3.01 -27.98
C TRP F 139 -6.89 -4.35 -28.10
N SER F 140 -5.81 -4.34 -28.87
CA SER F 140 -5.04 -5.56 -29.10
C SER F 140 -3.65 -5.50 -28.42
N ASN F 141 -3.47 -4.58 -27.48
CA ASN F 141 -2.24 -4.54 -26.66
C ASN F 141 -2.50 -5.45 -25.47
N GLU F 142 -1.70 -6.50 -25.38
CA GLU F 142 -1.91 -7.56 -24.40
C GLU F 142 -1.05 -7.34 -23.14
N LEU F 143 -0.13 -6.37 -23.20
CA LEU F 143 0.81 -6.05 -22.10
C LEU F 143 0.43 -4.83 -21.24
N THR F 144 -0.44 -3.97 -21.77
CA THR F 144 -0.88 -2.76 -21.07
C THR F 144 -2.35 -2.54 -21.30
N LEU F 145 -3.00 -1.89 -20.34
CA LEU F 145 -4.39 -1.52 -20.52
C LEU F 145 -4.43 -0.18 -21.22
N PRO F 146 -5.55 0.14 -21.90
CA PRO F 146 -5.72 1.51 -22.35
C PRO F 146 -5.97 2.40 -21.14
N ALA F 147 -5.52 3.65 -21.24
CA ALA F 147 -5.60 4.61 -20.15
C ALA F 147 -7.03 4.88 -19.71
N ALA F 148 -7.95 4.80 -20.66
CA ALA F 148 -9.37 4.95 -20.41
C ALA F 148 -10.22 4.04 -21.33
N ILE F 149 -11.44 3.71 -20.86
CA ILE F 149 -12.41 2.84 -21.53
C ILE F 149 -13.73 3.64 -21.46
N SER F 150 -14.46 3.72 -22.57
CA SER F 150 -15.80 4.30 -22.61
C SER F 150 -16.80 3.19 -22.90
N VAL F 151 -17.73 2.98 -21.99
CA VAL F 151 -18.81 2.01 -22.15
C VAL F 151 -20.07 2.79 -22.59
N GLU F 152 -20.60 2.43 -23.76
CA GLU F 152 -21.73 3.11 -24.38
C GLU F 152 -22.89 2.11 -24.51
N LEU F 153 -24.01 2.48 -23.88
CA LEU F 153 -25.26 1.73 -23.95
C LEU F 153 -26.26 2.56 -24.74
N THR F 154 -26.84 1.96 -25.76
CA THR F 154 -27.96 2.55 -26.48
C THR F 154 -29.23 1.93 -25.92
N LEU F 155 -29.94 2.70 -25.10
CA LEU F 155 -31.20 2.33 -24.57
C LEU F 155 -32.32 2.67 -25.54
N LYS F 156 -33.32 1.81 -25.51
CA LYS F 156 -34.43 1.89 -26.42
C LYS F 156 -35.27 3.15 -26.18
N ASP F 157 -35.32 3.61 -24.93
CA ASP F 157 -36.04 4.80 -24.54
C ASP F 157 -35.16 6.06 -24.53
N TYR F 158 -34.04 5.97 -23.83
CA TYR F 158 -33.18 7.13 -23.55
C TYR F 158 -32.16 7.43 -24.64
N GLY F 159 -31.88 6.46 -25.49
CA GLY F 159 -30.82 6.59 -26.46
C GLY F 159 -29.50 6.26 -25.80
N LYS F 160 -28.43 6.90 -26.28
CA LYS F 160 -27.08 6.59 -25.87
C LYS F 160 -26.70 7.19 -24.51
N ILE F 161 -26.23 6.35 -23.60
CA ILE F 161 -25.64 6.82 -22.37
C ILE F 161 -24.25 6.15 -22.29
N ALA F 162 -23.29 6.88 -21.76
CA ALA F 162 -21.92 6.47 -21.79
C ALA F 162 -21.25 6.84 -20.46
N ARG F 163 -20.38 5.94 -19.98
N ARG F 163 -20.35 5.95 -20.01
CA ARG F 163 -19.53 6.21 -18.82
CA ARG F 163 -19.52 6.21 -18.85
C ARG F 163 -18.06 5.94 -19.19
C ARG F 163 -18.06 5.94 -19.20
N THR F 164 -17.19 6.88 -18.85
CA THR F 164 -15.76 6.76 -19.07
C THR F 164 -15.11 6.33 -17.75
N TYR F 165 -14.25 5.31 -17.80
CA TYR F 165 -13.48 4.81 -16.63
C TYR F 165 -12.00 4.77 -16.89
N LEU F 166 -11.20 5.13 -15.88
CA LEU F 166 -9.74 5.09 -15.95
C LEU F 166 -9.24 3.76 -15.44
N THR F 167 -8.19 3.26 -16.09
CA THR F 167 -7.63 1.95 -15.76
C THR F 167 -6.38 2.16 -14.93
N PRO F 168 -5.92 1.11 -14.22
CA PRO F 168 -4.65 1.18 -13.51
C PRO F 168 -3.43 1.19 -14.43
N GLU F 169 -2.44 1.99 -14.05
CA GLU F 169 -1.16 2.10 -14.76
C GLU F 169 -0.35 0.85 -14.54
N GLY F 170 0.53 0.55 -15.49
CA GLY F 170 1.46 -0.59 -15.39
C GLY F 170 1.50 -1.42 -16.66
N ASN F 171 2.62 -2.09 -16.86
CA ASN F 171 2.81 -3.00 -17.99
C ASN F 171 3.17 -4.38 -17.50
N LEU F 172 2.79 -5.38 -18.29
CA LEU F 172 3.28 -6.74 -18.11
C LEU F 172 4.42 -6.99 -19.12
N GLN F 173 5.09 -8.13 -18.98
CA GLN F 173 6.12 -8.56 -19.91
C GLN F 173 5.54 -9.65 -20.81
N THR G 7 -29.27 -32.36 -11.90
CA THR G 7 -28.37 -31.22 -12.19
C THR G 7 -28.41 -30.18 -11.05
N VAL G 8 -29.60 -29.77 -10.61
CA VAL G 8 -29.70 -28.80 -9.52
C VAL G 8 -29.23 -29.41 -8.17
N GLY G 9 -29.47 -30.70 -7.97
CA GLY G 9 -29.06 -31.39 -6.74
C GLY G 9 -27.55 -31.31 -6.52
N TYR G 10 -26.81 -31.53 -7.60
CA TYR G 10 -25.35 -31.45 -7.57
C TYR G 10 -24.89 -30.02 -7.37
N LEU G 11 -25.52 -29.11 -8.11
CA LEU G 11 -25.25 -27.68 -8.03
C LEU G 11 -25.47 -27.13 -6.63
N GLU G 12 -26.51 -27.61 -5.92
CA GLU G 12 -26.70 -27.24 -4.52
C GLU G 12 -25.58 -27.68 -3.60
N GLN G 13 -25.21 -28.95 -3.73
CA GLN G 13 -24.12 -29.50 -2.96
C GLN G 13 -22.81 -28.71 -3.17
N LYS G 14 -22.50 -28.39 -4.41
CA LYS G 14 -21.30 -27.67 -4.74
C LYS G 14 -21.28 -26.28 -4.02
N MSE G 15 -22.42 -25.60 -4.13
CA MSE G 15 -22.59 -24.29 -3.56
C MSE G 15 -22.58 -24.26 -2.05
O MSE G 15 -21.91 -23.39 -1.46
CB MSE G 15 -23.90 -23.71 -4.06
CG MSE G 15 -24.17 -22.29 -3.52
SE MSE G 15 -25.83 -21.61 -4.23
CE MSE G 15 -25.78 -22.52 -5.98
N PHE G 16 -23.31 -25.18 -1.41
CA PHE G 16 -23.32 -25.23 0.04
C PHE G 16 -21.99 -25.77 0.67
N ALA G 17 -21.34 -26.78 0.06
CA ALA G 17 -20.02 -27.21 0.51
C ALA G 17 -19.00 -26.05 0.40
N ALA G 18 -19.07 -25.27 -0.69
CA ALA G 18 -18.21 -24.10 -0.87
C ALA G 18 -18.39 -23.04 0.20
N MSE G 19 -19.63 -22.80 0.65
CA MSE G 19 -19.90 -21.90 1.75
C MSE G 19 -19.24 -22.36 3.06
O MSE G 19 -18.69 -21.58 3.75
CB MSE G 19 -21.41 -21.76 1.98
CG MSE G 19 -22.13 -21.05 0.85
SE MSE G 19 -24.02 -20.79 1.19
CE MSE G 19 -23.99 -19.58 2.71
N VAL G 20 -19.34 -23.63 3.37
CA VAL G 20 -18.69 -24.19 4.56
C VAL G 20 -17.15 -24.02 4.48
N ALA G 21 -16.57 -24.29 3.30
CA ALA G 21 -15.13 -24.11 3.07
C ALA G 21 -14.71 -22.69 3.38
N ASP G 22 -15.42 -21.70 2.83
CA ASP G 22 -15.19 -20.27 3.11
C ASP G 22 -15.31 -19.95 4.61
N ASN G 23 -16.30 -20.52 5.28
CA ASN G 23 -16.49 -20.27 6.71
C ASN G 23 -15.35 -20.82 7.54
N GLN G 24 -14.87 -21.99 7.17
CA GLN G 24 -13.82 -22.62 7.95
C GLN G 24 -12.45 -22.02 7.61
N MSE G 25 -12.28 -21.50 6.38
CA MSE G 25 -11.06 -20.75 6.02
CA MSE G 25 -11.08 -20.78 6.03
C MSE G 25 -10.94 -19.49 6.86
O MSE G 25 -9.88 -19.17 7.35
CB MSE G 25 -10.99 -20.34 4.53
CB MSE G 25 -11.07 -20.47 4.54
CG MSE G 25 -9.96 -19.17 4.30
CG MSE G 25 -10.70 -21.67 3.71
SE MSE G 25 -9.65 -18.44 2.51
SE MSE G 25 -10.70 -21.43 1.78
CE MSE G 25 -11.48 -17.90 2.00
CE MSE G 25 -10.35 -19.52 1.66
N ALA G 26 -12.06 -18.78 6.98
CA ALA G 26 -12.09 -17.57 7.77
C ALA G 26 -11.67 -17.85 9.23
N MSE G 27 -12.13 -18.95 9.79
CA MSE G 27 -11.76 -19.36 11.16
C MSE G 27 -10.29 -19.71 11.32
O MSE G 27 -9.69 -19.37 12.36
CB MSE G 27 -12.67 -20.49 11.63
CG MSE G 27 -14.14 -20.10 11.65
SE MSE G 27 -14.56 -18.46 12.66
CE MSE G 27 -13.78 -16.94 11.71
N VAL G 28 -9.70 -20.36 10.31
CA VAL G 28 -8.24 -20.57 10.26
C VAL G 28 -7.52 -19.21 10.20
N MSE G 29 -7.94 -18.35 9.26
CA MSE G 29 -7.33 -17.02 9.09
C MSE G 29 -7.36 -16.14 10.34
O MSE G 29 -6.47 -15.33 10.54
CB MSE G 29 -8.03 -16.25 7.94
CG MSE G 29 -7.62 -16.65 6.51
SE MSE G 29 -5.68 -16.77 6.19
CE MSE G 29 -5.85 -17.45 4.36
N LEU G 30 -8.36 -16.29 11.19
CA LEU G 30 -8.38 -15.56 12.47
C LEU G 30 -7.13 -15.81 13.33
N ASN G 31 -6.69 -17.05 13.42
CA ASN G 31 -5.47 -17.38 14.19
C ASN G 31 -4.66 -18.47 13.52
N PRO G 32 -3.87 -18.09 12.49
CA PRO G 32 -3.10 -19.01 11.63
C PRO G 32 -1.65 -19.31 12.09
N LYS G 33 -1.24 -18.81 13.27
CA LYS G 33 0.08 -19.13 13.84
C LYS G 33 -0.02 -20.52 14.44
N ASN G 34 -1.13 -20.77 15.11
CA ASN G 34 -1.50 -22.12 15.56
C ASN G 34 -2.29 -22.82 14.43
N LEU G 35 -1.64 -22.97 13.28
CA LEU G 35 -2.18 -23.75 12.15
C LEU G 35 -1.89 -25.22 12.43
N LYS G 36 -2.95 -26.01 12.60
CA LYS G 36 -2.82 -27.44 12.87
C LYS G 36 -3.83 -28.19 12.04
N ALA G 37 -3.59 -29.48 11.84
CA ALA G 37 -4.60 -30.38 11.26
C ALA G 37 -5.77 -30.39 12.21
N SER G 38 -6.96 -30.05 11.72
CA SER G 38 -8.15 -30.19 12.54
C SER G 38 -9.36 -30.61 11.70
N ASN G 39 -10.45 -30.97 12.37
CA ASN G 39 -11.68 -31.35 11.68
C ASN G 39 -12.92 -31.13 12.53
N GLY G 40 -14.05 -31.01 11.84
CA GLY G 40 -15.33 -30.84 12.50
C GLY G 40 -16.52 -30.90 11.54
N GLU G 41 -17.64 -30.41 12.03
CA GLU G 41 -18.93 -30.55 11.35
C GLU G 41 -19.58 -29.19 11.30
N GLU G 42 -20.24 -28.87 10.19
CA GLU G 42 -21.00 -27.62 10.10
C GLU G 42 -22.37 -27.99 9.53
N GLU G 43 -23.41 -27.55 10.20
CA GLU G 43 -24.75 -27.64 9.66
C GLU G 43 -24.99 -26.44 8.75
N LEU G 44 -25.39 -26.70 7.51
CA LEU G 44 -25.71 -25.64 6.54
C LEU G 44 -26.75 -26.15 5.56
N ALA G 45 -27.84 -25.39 5.41
CA ALA G 45 -28.94 -25.78 4.51
C ALA G 45 -29.47 -27.18 4.81
N GLY G 46 -29.64 -27.47 6.11
CA GLY G 46 -30.23 -28.73 6.54
C GLY G 46 -29.36 -29.97 6.45
N GLN G 47 -28.10 -29.80 6.08
CA GLN G 47 -27.16 -30.89 5.89
C GLN G 47 -25.91 -30.72 6.77
N THR G 48 -25.46 -31.81 7.38
CA THR G 48 -24.19 -31.81 8.08
C THR G 48 -23.02 -31.94 7.09
N TRP G 49 -22.10 -30.99 7.12
CA TRP G 49 -20.91 -31.04 6.30
C TRP G 49 -19.69 -31.37 7.14
N TYR G 50 -18.80 -32.20 6.60
CA TYR G 50 -17.65 -32.64 7.32
C TYR G 50 -16.38 -31.95 6.75
N TRP G 51 -15.88 -30.99 7.51
CA TRP G 51 -14.72 -30.21 7.10
C TRP G 51 -13.43 -30.68 7.75
N LYS G 52 -12.34 -30.38 7.05
CA LYS G 52 -10.99 -30.78 7.42
C LYS G 52 -9.99 -29.67 7.02
N VAL G 53 -9.12 -29.29 7.96
CA VAL G 53 -8.05 -28.36 7.70
C VAL G 53 -6.71 -29.10 7.71
N ALA G 54 -5.91 -28.94 6.66
CA ALA G 54 -4.64 -29.66 6.48
C ALA G 54 -3.50 -28.72 6.11
N PRO G 55 -2.50 -28.55 7.00
CA PRO G 55 -1.29 -27.85 6.62
C PRO G 55 -0.70 -28.44 5.34
N VAL G 56 -0.06 -27.58 4.56
CA VAL G 56 0.59 -27.96 3.32
C VAL G 56 2.00 -27.44 3.42
N ALA G 57 2.97 -28.31 3.15
CA ALA G 57 4.38 -27.97 3.09
C ALA G 57 4.61 -26.92 2.00
N THR G 58 5.55 -26.01 2.25
CA THR G 58 5.87 -24.93 1.31
C THR G 58 7.37 -24.79 1.07
N THR G 59 7.73 -24.44 -0.16
CA THR G 59 9.13 -24.47 -0.61
C THR G 59 9.87 -23.20 -0.21
N GLN G 60 9.47 -22.63 0.92
CA GLN G 60 9.98 -21.36 1.38
C GLN G 60 9.60 -21.12 2.84
N PRO G 61 10.27 -20.14 3.49
CA PRO G 61 9.98 -19.80 4.87
C PRO G 61 8.88 -18.74 5.04
N LEU G 62 8.54 -18.06 3.96
CA LEU G 62 7.73 -16.84 4.02
C LEU G 62 6.21 -17.15 4.19
N LEU G 63 5.73 -18.12 3.44
CA LEU G 63 4.32 -18.43 3.44
C LEU G 63 4.03 -19.77 4.10
N LYS G 64 2.91 -19.87 4.79
CA LYS G 64 2.32 -21.15 5.18
C LYS G 64 1.08 -21.40 4.29
N ALA G 65 0.81 -22.66 3.97
CA ALA G 65 -0.40 -23.03 3.25
C ALA G 65 -1.29 -23.97 4.07
N PHE G 66 -2.58 -23.93 3.79
CA PHE G 66 -3.48 -24.95 4.27
C PHE G 66 -4.54 -25.22 3.22
N ASP G 67 -5.01 -26.45 3.22
CA ASP G 67 -6.20 -26.83 2.47
C ASP G 67 -7.35 -26.94 3.44
N VAL G 68 -8.50 -26.44 3.00
CA VAL G 68 -9.77 -26.70 3.65
C VAL G 68 -10.61 -27.60 2.72
N SER G 69 -11.05 -28.73 3.20
CA SER G 69 -11.79 -29.66 2.39
C SER G 69 -13.08 -29.98 3.12
N VAL G 70 -14.15 -30.17 2.35
CA VAL G 70 -15.53 -30.36 2.84
C VAL G 70 -16.19 -31.53 2.13
N ALA G 71 -16.68 -32.48 2.92
CA ALA G 71 -17.24 -33.74 2.37
C ALA G 71 -18.60 -34.06 2.96
N ALA G 72 -19.32 -34.97 2.33
CA ALA G 72 -20.64 -35.45 2.80
C ALA G 72 -20.64 -36.38 4.05
N THR G 73 -19.50 -37.02 4.30
CA THR G 73 -19.32 -37.90 5.47
C THR G 73 -17.89 -37.73 5.94
N THR G 74 -17.50 -38.48 6.97
CA THR G 74 -16.13 -38.46 7.46
C THR G 74 -15.20 -39.26 6.56
N GLN G 75 -15.77 -40.18 5.78
CA GLN G 75 -15.02 -41.05 4.87
C GLN G 75 -14.94 -40.48 3.44
N ALA G 76 -16.01 -39.87 2.97
CA ALA G 76 -16.16 -39.43 1.60
C ALA G 76 -14.97 -38.61 1.09
N SER G 77 -14.75 -38.65 -0.22
CA SER G 77 -13.87 -37.70 -0.88
C SER G 77 -14.54 -36.32 -0.82
N PRO G 78 -13.74 -35.26 -0.76
CA PRO G 78 -14.32 -33.90 -0.66
C PRO G 78 -15.10 -33.47 -1.88
N ILE G 79 -16.16 -32.71 -1.65
CA ILE G 79 -16.88 -32.04 -2.73
C ILE G 79 -16.00 -30.86 -3.19
N ILE G 80 -15.33 -30.23 -2.23
CA ILE G 80 -14.53 -29.04 -2.44
C ILE G 80 -13.25 -29.05 -1.57
N THR G 81 -12.14 -28.67 -2.20
CA THR G 81 -10.88 -28.40 -1.54
C THR G 81 -10.37 -27.04 -1.99
N VAL G 82 -10.14 -26.17 -1.02
CA VAL G 82 -9.57 -24.85 -1.27
C VAL G 82 -8.25 -24.71 -0.52
N ARG G 83 -7.27 -24.13 -1.22
CA ARG G 83 -5.94 -23.87 -0.68
C ARG G 83 -5.77 -22.39 -0.48
N SER G 84 -5.18 -22.03 0.66
CA SER G 84 -4.93 -20.66 1.06
C SER G 84 -3.54 -20.55 1.64
N TYR G 85 -2.98 -19.33 1.56
CA TYR G 85 -1.64 -19.01 2.09
C TYR G 85 -1.73 -17.87 3.06
N VAL G 86 -0.92 -17.99 4.11
CA VAL G 86 -0.82 -17.02 5.19
C VAL G 86 0.65 -16.57 5.31
N ALA G 87 0.87 -15.30 5.68
CA ALA G 87 2.22 -14.74 5.74
C ALA G 87 3.05 -15.39 6.82
N GLU H 9 -40.73 -30.21 -14.86
CA GLU H 9 -41.62 -29.08 -15.23
C GLU H 9 -41.12 -27.78 -14.57
N LEU H 10 -41.06 -27.83 -13.25
CA LEU H 10 -40.47 -26.76 -12.44
C LEU H 10 -39.14 -27.27 -11.84
N SER H 11 -38.37 -27.97 -12.69
CA SER H 11 -36.92 -28.06 -12.56
C SER H 11 -36.39 -26.64 -12.75
N GLN H 12 -37.06 -25.88 -13.62
CA GLN H 12 -36.75 -24.45 -13.86
C GLN H 12 -36.88 -23.55 -12.63
N GLU H 13 -37.94 -23.71 -11.83
CA GLU H 13 -38.11 -22.91 -10.60
C GLU H 13 -37.01 -23.19 -9.59
N ARG H 14 -36.60 -24.46 -9.49
CA ARG H 14 -35.50 -24.82 -8.57
C ARG H 14 -34.16 -24.22 -8.99
N THR H 15 -33.91 -24.29 -10.30
CA THR H 15 -32.70 -23.70 -10.88
C THR H 15 -32.72 -22.19 -10.76
N ALA H 16 -33.88 -21.57 -10.99
CA ALA H 16 -34.00 -20.10 -10.84
C ALA H 16 -33.69 -19.69 -9.41
N ARG H 17 -34.17 -20.48 -8.46
CA ARG H 17 -33.97 -20.23 -7.03
C ARG H 17 -32.48 -20.38 -6.66
N LEU H 18 -31.87 -21.45 -7.16
CA LEU H 18 -30.44 -21.64 -6.96
C LEU H 18 -29.64 -20.44 -7.51
N ASN H 19 -29.94 -20.03 -8.75
CA ASN H 19 -29.27 -18.89 -9.39
C ASN H 19 -29.47 -17.59 -8.63
N GLU H 20 -30.69 -17.37 -8.16
CA GLU H 20 -31.02 -16.24 -7.31
C GLU H 20 -30.17 -16.23 -6.06
N LEU H 21 -30.07 -17.40 -5.41
CA LEU H 21 -29.27 -17.56 -4.21
C LEU H 21 -27.80 -17.20 -4.48
N GLN H 22 -27.26 -17.76 -5.54
CA GLN H 22 -25.92 -17.42 -6.03
C GLN H 22 -25.64 -15.95 -6.28
N ARG H 23 -26.59 -15.25 -6.89
CA ARG H 23 -26.46 -13.83 -7.07
C ARG H 23 -26.43 -13.10 -5.74
N ALA H 24 -27.28 -13.50 -4.79
CA ALA H 24 -27.33 -12.86 -3.47
C ALA H 24 -25.99 -13.00 -2.73
N LEU H 25 -25.42 -14.20 -2.77
CA LEU H 25 -24.18 -14.47 -2.10
C LEU H 25 -22.99 -13.76 -2.73
N VAL H 26 -22.94 -13.61 -4.05
CA VAL H 26 -21.84 -12.85 -4.66
C VAL H 26 -21.91 -11.39 -4.18
N MSE H 27 -23.14 -10.89 -4.08
CA MSE H 27 -23.36 -9.51 -3.73
C MSE H 27 -22.97 -9.30 -2.25
O MSE H 27 -22.27 -8.34 -1.89
CB MSE H 27 -24.82 -9.18 -4.01
CG MSE H 27 -25.40 -8.05 -3.20
SE MSE H 27 -25.91 -6.58 -4.34
CE MSE H 27 -24.07 -6.23 -4.96
N MSE H 28 -23.42 -10.19 -1.38
CA MSE H 28 -23.04 -10.15 0.02
C MSE H 28 -21.56 -10.33 0.30
O MSE H 28 -21.03 -9.64 1.16
CB MSE H 28 -23.79 -11.17 0.82
CG MSE H 28 -25.18 -10.83 1.09
SE MSE H 28 -26.06 -12.42 1.82
CE MSE H 28 -24.79 -12.94 3.29
N ASP H 29 -20.89 -11.25 -0.41
CA ASP H 29 -19.42 -11.37 -0.34
C ASP H 29 -18.78 -10.04 -0.64
N SER H 30 -19.26 -9.43 -1.72
CA SER H 30 -18.73 -8.17 -2.21
C SER H 30 -18.81 -7.06 -1.14
N ASP H 31 -19.90 -7.03 -0.39
CA ASP H 31 -20.11 -6.01 0.62
C ASP H 31 -19.41 -6.36 1.91
N PHE H 32 -19.69 -7.56 2.44
CA PHE H 32 -19.14 -7.98 3.73
C PHE H 32 -17.64 -8.25 3.78
N ARG H 33 -17.05 -8.59 2.65
CA ARG H 33 -15.59 -8.70 2.58
C ARG H 33 -14.86 -7.35 2.42
N GLN H 34 -15.62 -6.27 2.25
CA GLN H 34 -15.08 -4.94 2.01
C GLN H 34 -15.58 -3.91 3.03
N ILE H 35 -15.87 -4.35 4.24
CA ILE H 35 -16.24 -3.45 5.30
C ILE H 35 -15.07 -2.47 5.57
N ALA H 36 -15.39 -1.18 5.74
CA ALA H 36 -14.39 -0.14 5.98
C ALA H 36 -14.47 0.35 7.41
N LEU H 37 -13.29 0.56 7.99
CA LEU H 37 -13.18 1.10 9.33
C LEU H 37 -13.42 2.61 9.21
N ARG H 38 -14.70 2.96 9.14
CA ARG H 38 -15.14 4.33 8.91
C ARG H 38 -16.52 4.38 9.52
N GLN H 39 -16.77 5.38 10.35
CA GLN H 39 -18.05 5.50 11.05
C GLN H 39 -19.06 6.20 10.16
N THR H 40 -20.34 5.82 10.36
CA THR H 40 -21.49 6.37 9.62
C THR H 40 -22.56 6.90 10.61
N ARG H 41 -23.37 7.85 10.14
CA ARG H 41 -24.69 8.18 10.74
C ARG H 41 -25.75 7.38 9.95
N THR H 42 -26.88 7.02 10.54
CA THR H 42 -27.43 7.55 11.79
C THR H 42 -27.27 6.58 12.96
N LYS H 49 -23.16 7.88 15.42
CA LYS H 49 -21.88 7.47 14.83
C LYS H 49 -21.50 6.05 15.25
N LYS H 50 -21.65 5.08 14.35
CA LYS H 50 -21.21 3.73 14.63
C LYS H 50 -20.38 3.22 13.47
N LEU H 51 -19.53 2.24 13.76
CA LEU H 51 -18.83 1.49 12.72
C LEU H 51 -19.78 0.54 11.98
N LEU H 52 -20.65 -0.09 12.75
CA LEU H 52 -21.55 -1.15 12.34
C LEU H 52 -22.85 -0.87 13.05
N HIS H 53 -23.94 -0.74 12.32
CA HIS H 53 -25.24 -0.49 12.93
C HIS H 53 -26.02 -1.79 12.83
N TRP H 54 -26.57 -2.23 13.95
CA TRP H 54 -27.31 -3.47 14.03
C TRP H 54 -28.39 -3.29 15.07
N ALA H 55 -29.60 -2.98 14.59
CA ALA H 55 -30.73 -2.66 15.46
C ALA H 55 -32.08 -2.98 14.80
N ASP H 56 -33.10 -3.12 15.63
CA ASP H 56 -34.44 -3.39 15.14
C ASP H 56 -34.99 -2.25 14.29
N TYR H 57 -35.67 -2.63 13.21
CA TYR H 57 -36.24 -1.69 12.27
C TYR H 57 -35.22 -0.74 11.64
N LEU H 58 -33.93 -1.05 11.72
CA LEU H 58 -32.94 -0.25 11.04
C LEU H 58 -33.18 -0.35 9.51
N LEU H 59 -33.04 0.78 8.82
CA LEU H 59 -33.42 0.94 7.42
C LEU H 59 -34.89 0.64 7.15
N ASP H 60 -35.71 0.77 8.19
CA ASP H 60 -37.10 0.36 8.12
C ASP H 60 -37.26 -1.14 7.80
N SER H 61 -36.29 -1.95 8.20
CA SER H 61 -36.45 -3.41 8.18
C SER H 61 -37.66 -3.80 9.04
N ASP H 62 -38.32 -4.89 8.64
CA ASP H 62 -39.41 -5.49 9.42
C ASP H 62 -38.92 -6.15 10.71
N ASN H 63 -37.66 -6.58 10.70
CA ASN H 63 -37.01 -7.03 11.92
C ASN H 63 -35.67 -6.29 12.05
N LYS H 64 -34.57 -7.02 12.08
CA LYS H 64 -33.25 -6.42 12.22
C LYS H 64 -32.76 -5.88 10.88
N GLY H 65 -32.01 -4.78 10.95
CA GLY H 65 -31.30 -4.23 9.79
C GLY H 65 -29.86 -4.05 10.18
N ILE H 66 -28.98 -4.09 9.20
CA ILE H 66 -27.56 -3.89 9.42
C ILE H 66 -27.08 -2.81 8.46
N MSE H 67 -26.24 -1.90 8.97
CA MSE H 67 -25.60 -0.90 8.11
C MSE H 67 -24.12 -0.71 8.41
O MSE H 67 -23.72 -0.75 9.56
CB MSE H 67 -26.36 0.43 8.21
CG MSE H 67 -26.11 1.37 7.04
SE MSE H 67 -27.00 3.12 7.28
CE MSE H 67 -25.92 3.80 8.80
N PHE H 68 -23.33 -0.53 7.35
CA PHE H 68 -21.89 -0.24 7.45
C PHE H 68 -21.33 0.52 6.23
N ALA H 69 -20.13 1.07 6.43
CA ALA H 69 -19.34 1.67 5.37
C ALA H 69 -18.59 0.57 4.69
N ARG H 70 -18.42 0.69 3.38
CA ARG H 70 -17.59 -0.22 2.63
C ARG H 70 -16.71 0.44 1.58
N LEU H 71 -15.60 -0.23 1.29
CA LEU H 71 -14.71 0.15 0.19
C LEU H 71 -15.45 -0.02 -1.12
N GLY H 72 -15.67 1.07 -1.84
CA GLY H 72 -16.35 1.06 -3.17
C GLY H 72 -15.37 0.83 -4.32
N TRP H 73 -14.28 1.59 -4.36
CA TRP H 73 -13.23 1.32 -5.35
C TRP H 73 -11.96 2.14 -5.04
N HIS H 74 -10.85 1.78 -5.69
CA HIS H 74 -9.62 2.57 -5.67
C HIS H 74 -9.76 3.61 -6.75
N ASN H 75 -9.34 4.84 -6.45
CA ASN H 75 -9.36 5.94 -7.40
C ASN H 75 -8.14 5.84 -8.30
N PRO H 76 -8.16 6.51 -9.47
CA PRO H 76 -6.97 6.45 -10.32
C PRO H 76 -5.75 7.08 -9.63
N GLN H 77 -4.55 6.78 -10.14
CA GLN H 77 -3.27 7.06 -9.47
C GLN H 77 -3.18 8.43 -8.84
N GLN H 78 -3.60 9.43 -9.60
CA GLN H 78 -3.37 10.81 -9.29
C GLN H 78 -4.19 11.34 -8.09
N GLN H 79 -5.29 10.68 -7.79
CA GLN H 79 -6.36 11.27 -7.01
C GLN H 79 -6.22 11.00 -5.53
N PHE H 80 -6.65 11.99 -4.77
CA PHE H 80 -6.72 11.87 -3.34
C PHE H 80 -8.15 12.13 -2.90
N PRO H 81 -8.73 11.26 -2.04
CA PRO H 81 -8.20 10.04 -1.45
C PRO H 81 -8.10 8.91 -2.46
N ARG H 82 -7.35 7.90 -2.10
CA ARG H 82 -7.03 6.80 -2.99
C ARG H 82 -8.18 5.83 -3.15
N GLY H 83 -9.14 5.86 -2.24
CA GLY H 83 -10.29 5.00 -2.32
C GLY H 83 -11.57 5.73 -2.05
N GLU H 84 -12.65 5.35 -2.75
CA GLU H 84 -13.98 5.87 -2.45
C GLU H 84 -14.70 4.90 -1.55
N VAL H 85 -15.20 5.42 -0.44
CA VAL H 85 -15.95 4.68 0.54
C VAL H 85 -17.43 4.97 0.29
N THR H 86 -18.20 3.89 0.17
CA THR H 86 -19.63 3.94 0.00
C THR H 86 -20.30 3.44 1.29
N LYS H 87 -21.62 3.31 1.27
CA LYS H 87 -22.39 2.80 2.43
C LYS H 87 -23.45 1.82 1.95
N VAL H 88 -23.57 0.70 2.68
CA VAL H 88 -24.57 -0.32 2.37
C VAL H 88 -25.35 -0.83 3.60
N GLY H 89 -26.54 -1.34 3.33
CA GLY H 89 -27.36 -1.93 4.36
C GLY H 89 -28.09 -3.14 3.84
N TYR H 90 -28.46 -4.03 4.76
CA TYR H 90 -29.34 -5.14 4.47
C TYR H 90 -30.57 -5.08 5.37
N ARG H 91 -31.73 -5.44 4.81
CA ARG H 91 -32.96 -5.48 5.56
C ARG H 91 -33.93 -6.54 5.03
N ILE H 92 -34.93 -6.86 5.85
CA ILE H 92 -36.04 -7.73 5.44
C ILE H 92 -37.28 -6.90 5.21
N LYS H 93 -37.87 -7.00 4.02
CA LYS H 93 -39.20 -6.46 3.77
C LYS H 93 -40.11 -7.50 3.14
N ASP H 94 -41.12 -7.89 3.93
CA ASP H 94 -42.09 -8.88 3.56
C ASP H 94 -41.34 -10.16 3.25
N GLU H 95 -40.57 -10.62 4.24
CA GLU H 95 -39.76 -11.85 4.11
C GLU H 95 -38.87 -11.92 2.85
N ARG H 96 -38.46 -10.77 2.35
CA ARG H 96 -37.45 -10.70 1.30
C ARG H 96 -36.26 -9.91 1.80
N LEU H 97 -35.07 -10.39 1.48
CA LEU H 97 -33.82 -9.70 1.80
C LEU H 97 -33.58 -8.61 0.75
N GLU H 98 -33.32 -7.40 1.24
CA GLU H 98 -32.99 -6.28 0.37
C GLU H 98 -31.66 -5.67 0.76
N ARG H 99 -30.94 -5.20 -0.25
CA ARG H 99 -29.67 -4.54 -0.04
C ARG H 99 -29.85 -3.10 -0.45
N VAL H 100 -29.47 -2.19 0.43
CA VAL H 100 -29.52 -0.78 0.16
C VAL H 100 -28.13 -0.17 0.00
N TRP H 101 -27.98 0.66 -1.04
CA TRP H 101 -26.72 1.29 -1.39
C TRP H 101 -26.83 2.85 -1.40
N TRP H 102 -25.84 3.51 -0.79
CA TRP H 102 -25.60 4.97 -0.88
C TRP H 102 -24.17 5.26 -1.41
N ARG H 103 -24.03 6.25 -2.28
CA ARG H 103 -22.72 6.64 -2.82
C ARG H 103 -21.82 7.24 -1.73
N TYR H 104 -22.41 7.93 -0.77
CA TYR H 104 -21.65 8.70 0.23
C TYR H 104 -21.97 8.22 1.66
N PRO H 105 -20.93 7.93 2.46
CA PRO H 105 -21.16 7.48 3.84
C PRO H 105 -21.98 8.47 4.68
N ASP H 106 -21.71 9.78 4.52
CA ASP H 106 -22.50 10.81 5.19
C ASP H 106 -23.53 11.40 4.21
N THR H 107 -24.80 11.14 4.48
CA THR H 107 -25.84 11.29 3.47
C THR H 107 -27.08 11.93 4.11
N PRO H 108 -27.69 12.92 3.41
CA PRO H 108 -28.95 13.47 3.91
C PRO H 108 -30.12 12.52 3.60
N GLN H 111 -32.05 11.28 1.34
CA GLN H 111 -32.41 10.28 2.35
C GLN H 111 -32.18 8.85 1.82
N GLU H 112 -33.18 8.30 1.15
CA GLU H 112 -33.21 6.85 0.84
C GLU H 112 -32.17 6.38 -0.19
N GLY H 113 -31.80 5.11 -0.11
CA GLY H 113 -30.73 4.56 -0.93
C GLY H 113 -31.23 3.87 -2.20
N VAL H 114 -30.28 3.42 -3.01
CA VAL H 114 -30.56 2.56 -4.17
C VAL H 114 -30.85 1.14 -3.67
N VAL H 115 -32.06 0.67 -3.88
CA VAL H 115 -32.51 -0.59 -3.30
C VAL H 115 -32.41 -1.73 -4.29
N THR H 116 -31.70 -2.79 -3.91
CA THR H 116 -31.70 -4.02 -4.68
C THR H 116 -32.46 -5.13 -3.94
N PRO H 117 -33.56 -5.64 -4.54
CA PRO H 117 -34.22 -6.83 -3.98
C PRO H 117 -33.39 -8.07 -4.29
N LEU H 118 -32.87 -8.73 -3.26
CA LEU H 118 -31.77 -9.65 -3.44
C LEU H 118 -32.23 -11.10 -3.42
N LEU H 119 -33.07 -11.45 -2.43
CA LEU H 119 -33.49 -12.83 -2.19
C LEU H 119 -34.90 -12.92 -1.56
N SER H 120 -35.80 -13.65 -2.22
CA SER H 120 -37.15 -13.93 -1.69
C SER H 120 -37.17 -15.06 -0.68
N ASP H 121 -38.24 -15.16 0.11
CA ASP H 121 -38.43 -16.27 1.05
C ASP H 121 -37.32 -16.36 2.11
N VAL H 122 -37.02 -15.21 2.74
CA VAL H 122 -36.09 -15.15 3.85
C VAL H 122 -36.91 -14.94 5.14
N GLU H 123 -36.81 -15.90 6.05
CA GLU H 123 -37.58 -15.87 7.30
C GLU H 123 -36.91 -15.00 8.33
N GLU H 124 -35.58 -15.00 8.32
CA GLU H 124 -34.78 -14.36 9.34
C GLU H 124 -33.38 -13.94 8.81
N LEU H 125 -33.01 -12.70 9.12
CA LEU H 125 -31.66 -12.19 8.99
C LEU H 125 -31.10 -12.09 10.41
N ASN H 126 -30.01 -12.80 10.70
CA ASN H 126 -29.27 -12.60 11.93
C ASN H 126 -27.76 -12.40 11.72
N VAL H 127 -27.16 -11.53 12.51
CA VAL H 127 -25.75 -11.29 12.46
C VAL H 127 -25.16 -11.47 13.84
N ARG H 128 -24.00 -12.12 13.90
CA ARG H 128 -23.25 -12.30 15.14
C ARG H 128 -21.84 -11.75 14.96
N PHE H 129 -21.15 -11.54 16.09
CA PHE H 129 -19.88 -10.79 16.13
C PHE H 129 -18.88 -11.51 16.99
N TYR H 130 -17.71 -11.78 16.45
CA TYR H 130 -16.68 -12.53 17.16
C TYR H 130 -15.76 -11.53 17.88
N ASP H 131 -15.76 -11.56 19.21
CA ASP H 131 -14.95 -10.63 20.01
C ASP H 131 -13.59 -11.20 20.35
N GLY H 132 -13.13 -12.20 19.58
CA GLY H 132 -11.79 -12.76 19.76
C GLY H 132 -11.73 -13.97 20.69
N LYS H 133 -12.80 -14.19 21.46
CA LYS H 133 -12.95 -15.43 22.22
C LYS H 133 -14.25 -16.15 21.90
N GLN H 134 -15.33 -15.40 21.66
CA GLN H 134 -16.61 -16.02 21.30
C GLN H 134 -17.51 -15.12 20.49
N TRP H 135 -18.60 -15.70 19.98
CA TRP H 135 -19.59 -14.98 19.22
C TRP H 135 -20.65 -14.31 20.12
N ILE H 136 -20.86 -13.01 19.90
CA ILE H 136 -21.89 -12.26 20.61
C ILE H 136 -22.94 -11.68 19.64
N ASN H 137 -24.02 -11.11 20.18
CA ASN H 137 -25.21 -10.72 19.41
C ASN H 137 -25.41 -9.22 19.17
N GLU H 138 -24.58 -8.38 19.80
CA GLU H 138 -24.48 -6.96 19.43
C GLU H 138 -23.04 -6.48 19.37
N TRP H 139 -22.83 -5.37 18.70
CA TRP H 139 -21.52 -4.74 18.62
C TRP H 139 -21.61 -3.24 18.90
N SER H 140 -21.24 -2.87 20.13
CA SER H 140 -21.36 -1.49 20.59
C SER H 140 -20.01 -0.74 20.59
N ASN H 141 -18.93 -1.46 20.29
CA ASN H 141 -17.60 -0.86 20.24
C ASN H 141 -17.53 0.06 19.03
N GLU H 142 -17.43 1.36 19.28
CA GLU H 142 -17.45 2.39 18.23
C GLU H 142 -16.06 2.65 17.66
N LEU H 143 -15.02 2.08 18.28
CA LEU H 143 -13.62 2.33 17.90
C LEU H 143 -12.97 1.20 17.11
N THR H 144 -13.47 -0.02 17.27
CA THR H 144 -12.88 -1.17 16.61
C THR H 144 -14.00 -2.00 15.97
N LEU H 145 -13.69 -2.67 14.86
CA LEU H 145 -14.62 -3.65 14.30
C LEU H 145 -14.35 -5.00 14.98
N PRO H 146 -15.35 -5.91 14.97
CA PRO H 146 -15.11 -7.25 15.51
C PRO H 146 -14.24 -8.03 14.54
N ALA H 147 -13.38 -8.90 15.05
CA ALA H 147 -12.46 -9.64 14.21
C ALA H 147 -13.21 -10.36 13.06
N ALA H 148 -14.40 -10.87 13.39
CA ALA H 148 -15.23 -11.60 12.43
C ALA H 148 -16.73 -11.29 12.63
N ILE H 149 -17.46 -11.41 11.52
CA ILE H 149 -18.92 -11.21 11.47
C ILE H 149 -19.53 -12.47 10.85
N SER H 150 -20.60 -12.99 11.41
CA SER H 150 -21.36 -14.12 10.82
C SER H 150 -22.74 -13.65 10.47
N VAL H 151 -23.08 -13.77 9.20
CA VAL H 151 -24.37 -13.38 8.66
C VAL H 151 -25.14 -14.66 8.39
N GLU H 152 -26.27 -14.81 9.07
CA GLU H 152 -27.08 -16.02 9.04
C GLU H 152 -28.46 -15.66 8.41
N LEU H 153 -28.77 -16.29 7.30
CA LEU H 153 -30.07 -16.20 6.62
C LEU H 153 -30.83 -17.48 6.84
N THR H 154 -32.10 -17.39 7.20
CA THR H 154 -32.97 -18.57 7.26
C THR H 154 -33.96 -18.48 6.12
N LEU H 155 -33.78 -19.37 5.14
CA LEU H 155 -34.61 -19.41 3.97
C LEU H 155 -35.76 -20.36 4.22
N LYS H 156 -36.92 -20.06 3.65
CA LYS H 156 -38.09 -20.89 3.89
C LYS H 156 -37.96 -22.28 3.28
N ASP H 157 -37.19 -22.40 2.21
CA ASP H 157 -36.98 -23.66 1.53
C ASP H 157 -35.68 -24.36 1.97
N TYR H 158 -34.59 -23.63 2.10
CA TYR H 158 -33.30 -24.27 2.34
C TYR H 158 -32.94 -24.31 3.81
N GLY H 159 -33.63 -23.50 4.61
CA GLY H 159 -33.30 -23.35 6.02
C GLY H 159 -32.12 -22.41 6.24
N LYS H 160 -31.34 -22.69 7.27
CA LYS H 160 -30.32 -21.77 7.73
C LYS H 160 -29.06 -21.94 6.92
N ILE H 161 -28.58 -20.83 6.37
CA ILE H 161 -27.26 -20.74 5.76
C ILE H 161 -26.53 -19.52 6.38
N ALA H 162 -25.21 -19.65 6.54
CA ALA H 162 -24.39 -18.65 7.23
C ALA H 162 -23.08 -18.40 6.47
N ARG H 163 -22.60 -17.15 6.51
CA ARG H 163 -21.29 -16.80 5.99
CA ARG H 163 -21.30 -16.78 5.96
C ARG H 163 -20.53 -15.96 7.03
N THR H 164 -19.29 -16.35 7.28
CA THR H 164 -18.37 -15.71 8.22
C THR H 164 -17.40 -14.87 7.39
N TYR H 165 -17.26 -13.59 7.77
CA TYR H 165 -16.36 -12.67 7.12
C TYR H 165 -15.42 -12.04 8.13
N LEU H 166 -14.14 -11.89 7.75
CA LEU H 166 -13.18 -11.16 8.57
C LEU H 166 -13.15 -9.67 8.24
N THR H 167 -12.86 -8.88 9.26
CA THR H 167 -12.81 -7.42 9.13
C THR H 167 -11.38 -6.94 9.04
N PRO H 168 -11.16 -5.72 8.53
CA PRO H 168 -9.82 -5.14 8.63
C PRO H 168 -9.44 -4.79 10.08
N GLU H 169 -8.14 -4.91 10.32
CA GLU H 169 -7.55 -4.64 11.63
C GLU H 169 -7.41 -3.15 11.81
N GLY H 170 -7.31 -2.72 13.07
CA GLY H 170 -7.14 -1.31 13.39
C GLY H 170 -8.26 -0.76 14.24
N ASN H 171 -7.96 0.31 14.97
CA ASN H 171 -8.95 1.04 15.76
C ASN H 171 -8.88 2.53 15.46
N LEU H 172 -9.99 3.21 15.75
CA LEU H 172 -10.05 4.66 15.71
C LEU H 172 -9.74 5.17 17.13
N GLN H 173 -9.28 6.43 17.24
CA GLN H 173 -9.03 7.05 18.55
C GLN H 173 -10.31 7.65 19.12
CL CL I . 17.85 4.59 5.53
CL CL J . -17.59 -4.58 -5.61
NA NA K . -33.18 3.29 -30.78
NA NA L . -38.71 -22.65 8.03
#